data_6R88
#
_entry.id   6R88
#
_cell.length_a   96.972
_cell.length_b   98.239
_cell.length_c   114.256
_cell.angle_alpha   90.000
_cell.angle_beta   90.000
_cell.angle_gamma   90.000
#
_symmetry.space_group_name_H-M   'P 21 21 21'
#
loop_
_entity.id
_entity.type
_entity.pdbx_description
1 polymer 'Glutamate receptor 3.3,Glutamate receptor 3.3'
2 non-polymer GLYCINE
3 non-polymer GLYCEROL
4 non-polymer 'SODIUM ION'
5 non-polymer 'CHLORIDE ION'
6 non-polymer 'SULFATE ION'
7 water water
#
_entity_poly.entity_id   1
_entity_poly.type   'polypeptide(L)'
_entity_poly.pdbx_seq_one_letter_code
;GPMGKELKIGVPLRVSYKEFVSQIRGTENMFKGFCIDVFTAAVNLLPYAVPVKFIPYGNGKENPSYTHMVEMITTGNFDG
VVGDVAIVTNRTKIVDFTQPYAASGLVVVAPGGTPIKGIESLRERDDPIGYQVGSFAESYLRNELNISESRLVPLGTPEA
YAKALKDGPSKGGVAAIVDERPYVELFLSSNCAYRIVGQEFTKSGWGFAFPRDSPLAIDLSTAILELAENGDLQRIHDKW
LMKNACT
;
_entity_poly.pdbx_strand_id   A,B,C,D
#
loop_
_chem_comp.id
_chem_comp.type
_chem_comp.name
_chem_comp.formula
CL non-polymer 'CHLORIDE ION' 'Cl -1'
GOL non-polymer GLYCEROL 'C3 H8 O3'
NA non-polymer 'SODIUM ION' 'Na 1'
SO4 non-polymer 'SULFATE ION' 'O4 S -2'
#
# COMPACT_ATOMS: atom_id res chain seq x y z
N GLU A 6 4.06 0.19 26.39
CA GLU A 6 3.97 0.71 24.97
C GLU A 6 2.51 0.94 24.60
N LEU A 7 2.12 2.16 24.22
CA LEU A 7 0.71 2.40 23.88
C LEU A 7 0.45 1.99 22.43
N LYS A 8 -0.69 1.38 22.21
CA LYS A 8 -1.17 1.04 20.84
C LYS A 8 -1.99 2.23 20.43
N ILE A 9 -1.47 3.00 19.50
CA ILE A 9 -2.11 4.26 19.06
C ILE A 9 -2.63 4.04 17.64
N GLY A 10 -3.94 4.11 17.50
CA GLY A 10 -4.58 4.05 16.18
C GLY A 10 -4.26 5.26 15.34
N VAL A 11 -3.97 5.08 14.04
CA VAL A 11 -3.74 6.23 13.15
C VAL A 11 -4.55 5.98 11.90
N PRO A 12 -5.31 6.96 11.40
CA PRO A 12 -6.14 6.72 10.21
C PRO A 12 -5.24 6.44 8.99
N LEU A 13 -5.59 5.37 8.26
CA LEU A 13 -4.87 5.03 7.02
C LEU A 13 -5.50 5.80 5.88
N ARG A 14 -5.02 7.02 5.65
CA ARG A 14 -5.62 7.93 4.66
C ARG A 14 -5.16 7.57 3.24
N VAL A 15 -6.07 7.69 2.28
CA VAL A 15 -5.79 7.47 0.84
C VAL A 15 -5.67 8.84 0.14
N SER A 16 -6.12 9.93 0.75
CA SER A 16 -6.10 11.29 0.16
C SER A 16 -5.73 12.30 1.25
N TYR A 17 -5.37 13.52 0.84
CA TYR A 17 -4.92 14.59 1.75
C TYR A 17 -3.92 13.98 2.73
N LYS A 18 -2.88 13.34 2.18
CA LYS A 18 -1.87 12.62 3.01
C LYS A 18 -0.92 13.60 3.68
N GLU A 19 -0.95 14.90 3.35
CA GLU A 19 -0.18 15.94 4.07
C GLU A 19 -0.48 15.85 5.58
N PHE A 20 -1.71 15.51 5.93
CA PHE A 20 -2.11 15.47 7.34
C PHE A 20 -1.48 14.27 8.04
N VAL A 21 -1.63 13.10 7.44
CA VAL A 21 -1.05 11.85 7.98
C VAL A 21 -1.08 10.82 6.88
N SER A 22 0.03 10.07 6.77
CA SER A 22 0.07 8.95 5.80
C SER A 22 0.99 7.89 6.35
N GLN A 23 0.68 6.65 5.98
CA GLN A 23 1.56 5.49 6.25
C GLN A 23 2.73 5.60 5.29
N ILE A 24 3.93 5.41 5.83
CA ILE A 24 5.16 5.38 4.99
C ILE A 24 5.12 4.12 4.12
N ARG A 25 5.31 4.32 2.82
CA ARG A 25 5.15 3.25 1.81
C ARG A 25 6.10 2.11 2.20
N GLY A 26 5.58 0.90 2.09
CA GLY A 26 6.30 -0.34 2.38
C GLY A 26 6.32 -0.67 3.86
N THR A 27 5.63 0.11 4.69
CA THR A 27 5.64 -0.12 6.16
C THR A 27 4.21 -0.27 6.68
N GLU A 28 4.09 -0.94 7.81
CA GLU A 28 2.79 -1.11 8.46
C GLU A 28 2.62 -0.08 9.59
N ASN A 29 3.70 0.22 10.32
CA ASN A 29 3.55 0.97 11.59
C ASN A 29 4.25 2.32 11.53
N MET A 30 4.76 2.76 10.40
CA MET A 30 5.47 4.06 10.35
CA MET A 30 5.47 4.06 10.33
C MET A 30 4.60 5.07 9.59
N PHE A 31 4.50 6.24 10.18
CA PHE A 31 3.64 7.33 9.68
C PHE A 31 4.41 8.64 9.65
N LYS A 32 3.94 9.53 8.77
CA LYS A 32 4.43 10.91 8.67
C LYS A 32 3.26 11.84 8.36
N GLY A 33 3.56 13.13 8.56
CA GLY A 33 2.62 14.19 8.22
C GLY A 33 2.50 15.20 9.30
N PHE A 34 1.74 16.23 9.00
CA PHE A 34 1.45 17.33 9.96
C PHE A 34 1.06 16.77 11.35
N CYS A 35 0.06 15.90 11.36
CA CYS A 35 -0.51 15.44 12.65
C CYS A 35 0.52 14.64 13.43
N ILE A 36 1.33 13.83 12.73
CA ILE A 36 2.38 13.02 13.38
C ILE A 36 3.45 13.95 13.97
N ASP A 37 3.89 14.95 13.21
CA ASP A 37 4.94 15.87 13.71
C ASP A 37 4.44 16.66 14.90
N VAL A 38 3.16 17.06 14.93
CA VAL A 38 2.65 17.77 16.12
C VAL A 38 2.60 16.82 17.32
N PHE A 39 2.08 15.60 17.15
CA PHE A 39 2.03 14.63 18.24
C PHE A 39 3.43 14.34 18.77
N THR A 40 4.42 14.11 17.93
CA THR A 40 5.81 13.79 18.34
CA THR A 40 5.75 13.73 18.46
C THR A 40 6.38 14.97 19.13
N ALA A 41 6.19 16.17 18.58
CA ALA A 41 6.73 17.41 19.18
C ALA A 41 6.09 17.58 20.55
N ALA A 42 4.80 17.32 20.66
CA ALA A 42 4.09 17.45 21.94
C ALA A 42 4.58 16.41 22.94
N VAL A 43 4.66 15.14 22.53
CA VAL A 43 5.14 14.06 23.45
C VAL A 43 6.56 14.39 23.93
N ASN A 44 7.36 15.02 23.09
CA ASN A 44 8.79 15.26 23.45
C ASN A 44 8.83 16.36 24.54
N LEU A 45 7.73 17.09 24.80
CA LEU A 45 7.72 18.12 25.86
C LEU A 45 7.25 17.56 27.20
N LEU A 46 6.83 16.31 27.25
CA LEU A 46 6.39 15.69 28.51
C LEU A 46 7.59 15.30 29.33
N PRO A 47 7.44 15.34 30.66
CA PRO A 47 8.55 14.98 31.54
C PRO A 47 8.69 13.47 31.78
N TYR A 48 7.91 12.66 31.08
CA TYR A 48 7.95 11.19 31.16
C TYR A 48 7.95 10.63 29.74
N ALA A 49 8.47 9.43 29.60
CA ALA A 49 8.46 8.72 28.31
C ALA A 49 7.04 8.22 28.01
N VAL A 50 6.69 8.27 26.73
CA VAL A 50 5.40 7.71 26.23
C VAL A 50 5.75 6.84 25.04
N PRO A 51 6.12 5.59 25.27
CA PRO A 51 6.43 4.70 24.17
C PRO A 51 5.14 4.39 23.42
N VAL A 52 5.23 4.45 22.12
CA VAL A 52 4.04 4.33 21.22
C VAL A 52 4.36 3.35 20.10
N LYS A 53 3.36 2.61 19.71
CA LYS A 53 3.38 1.90 18.41
C LYS A 53 2.14 2.34 17.64
N PHE A 54 2.35 2.86 16.44
CA PHE A 54 1.24 3.32 15.58
C PHE A 54 0.62 2.13 14.86
N ILE A 55 -0.70 2.03 14.94
CA ILE A 55 -1.48 0.93 14.34
C ILE A 55 -2.39 1.52 13.27
N PRO A 56 -2.30 1.11 12.00
CA PRO A 56 -3.16 1.68 10.97
C PRO A 56 -4.60 1.24 11.21
N TYR A 57 -5.52 2.18 11.03
CA TYR A 57 -6.97 1.94 11.01
C TYR A 57 -7.51 2.35 9.65
N GLY A 58 -8.11 1.35 8.99
CA GLY A 58 -8.68 1.49 7.64
C GLY A 58 -8.36 0.29 6.77
N ASN A 59 -9.15 0.16 5.70
CA ASN A 59 -8.97 -1.00 4.77
C ASN A 59 -7.95 -0.68 3.70
N GLY A 60 -7.40 0.54 3.63
CA GLY A 60 -6.36 0.85 2.65
C GLY A 60 -6.94 1.27 1.30
N LYS A 61 -8.27 1.17 1.12
CA LYS A 61 -8.96 1.42 -0.19
C LYS A 61 -9.69 2.76 -0.15
N GLU A 62 -10.10 3.23 1.04
CA GLU A 62 -10.86 4.47 1.19
C GLU A 62 -10.56 4.99 2.58
N ASN A 63 -10.75 6.28 2.78
CA ASN A 63 -10.55 6.85 4.14
C ASN A 63 -11.48 6.16 5.12
N PRO A 64 -11.02 5.86 6.36
CA PRO A 64 -11.88 5.16 7.30
C PRO A 64 -12.92 6.07 7.94
N SER A 65 -13.90 5.45 8.60
CA SER A 65 -14.82 6.13 9.53
C SER A 65 -14.02 6.62 10.73
N TYR A 66 -13.91 7.92 10.92
CA TYR A 66 -13.13 8.50 12.07
C TYR A 66 -13.88 8.21 13.38
N THR A 67 -15.22 8.18 13.35
CA THR A 67 -15.97 7.85 14.60
C THR A 67 -15.72 6.40 14.99
N HIS A 68 -15.81 5.49 14.02
CA HIS A 68 -15.47 4.08 14.31
C HIS A 68 -14.05 3.93 14.81
N MET A 69 -13.11 4.71 14.26
CA MET A 69 -11.71 4.67 14.72
C MET A 69 -11.65 5.03 16.20
N VAL A 70 -12.30 6.09 16.63
CA VAL A 70 -12.14 6.46 18.07
CA VAL A 70 -12.28 6.55 18.04
C VAL A 70 -12.94 5.50 18.94
N GLU A 71 -14.03 4.92 18.44
CA GLU A 71 -14.74 3.85 19.20
C GLU A 71 -13.81 2.70 19.57
N MET A 72 -12.73 2.44 18.81
CA MET A 72 -11.77 1.37 19.15
C MET A 72 -11.02 1.69 20.43
N ILE A 73 -11.00 2.94 20.91
CA ILE A 73 -10.44 3.23 22.26
C ILE A 73 -11.38 2.61 23.30
N THR A 74 -12.67 2.68 23.10
CA THR A 74 -13.68 2.33 24.17
C THR A 74 -13.67 0.83 24.35
N THR A 75 -13.33 0.07 23.32
CA THR A 75 -13.32 -1.40 23.39
C THR A 75 -11.95 -1.90 23.85
N GLY A 76 -10.93 -1.03 23.93
CA GLY A 76 -9.58 -1.38 24.39
C GLY A 76 -8.70 -1.85 23.25
N ASN A 77 -9.13 -1.79 22.01
CA ASN A 77 -8.25 -2.12 20.86
CA ASN A 77 -8.27 -2.11 20.84
C ASN A 77 -7.10 -1.12 20.78
N PHE A 78 -7.39 0.16 21.01
CA PHE A 78 -6.39 1.25 20.97
C PHE A 78 -6.30 1.87 22.37
N ASP A 79 -5.10 2.26 22.75
CA ASP A 79 -4.79 3.10 23.95
C ASP A 79 -5.00 4.59 23.62
N GLY A 80 -5.18 4.95 22.34
CA GLY A 80 -5.39 6.35 21.94
C GLY A 80 -5.43 6.39 20.42
N VAL A 81 -5.77 7.55 19.88
CA VAL A 81 -5.85 7.73 18.41
C VAL A 81 -5.15 9.04 18.12
N VAL A 82 -4.27 9.04 17.13
CA VAL A 82 -3.51 10.23 16.69
C VAL A 82 -3.82 10.46 15.21
N GLY A 83 -4.37 11.61 14.90
CA GLY A 83 -4.73 11.91 13.51
C GLY A 83 -5.44 13.25 13.44
N ASP A 84 -6.02 13.47 12.29
CA ASP A 84 -6.80 14.69 11.98
C ASP A 84 -8.24 14.50 12.44
N VAL A 85 -8.42 14.32 13.73
CA VAL A 85 -9.71 13.87 14.31
C VAL A 85 -10.47 15.06 14.88
N ALA A 86 -11.63 15.39 14.30
CA ALA A 86 -12.46 16.50 14.80
C ALA A 86 -13.06 16.16 16.17
N ILE A 87 -13.02 17.17 17.02
CA ILE A 87 -13.48 17.08 18.43
C ILE A 87 -14.97 17.38 18.45
N VAL A 88 -15.78 16.40 18.11
CA VAL A 88 -17.26 16.58 18.00
C VAL A 88 -17.96 15.78 19.09
N THR A 89 -19.22 16.16 19.38
CA THR A 89 -19.94 15.68 20.59
C THR A 89 -20.15 14.19 20.64
N ASN A 90 -20.50 13.53 19.57
CA ASN A 90 -20.70 12.07 19.78
C ASN A 90 -19.34 11.42 20.10
N ARG A 91 -18.19 12.12 19.88
CA ARG A 91 -16.88 11.49 20.24
C ARG A 91 -16.43 11.91 21.65
N THR A 92 -16.65 13.13 22.08
CA THR A 92 -16.20 13.63 23.41
C THR A 92 -17.03 12.91 24.51
N LYS A 93 -18.16 12.33 24.14
CA LYS A 93 -18.96 11.61 25.16
C LYS A 93 -18.41 10.21 25.42
N ILE A 94 -17.51 9.69 24.57
CA ILE A 94 -16.99 8.31 24.74
C ILE A 94 -15.47 8.29 25.00
N VAL A 95 -14.73 9.34 24.63
CA VAL A 95 -13.26 9.38 24.84
C VAL A 95 -12.89 10.80 25.25
N ASP A 96 -11.69 11.00 25.75
CA ASP A 96 -11.20 12.34 26.13
C ASP A 96 -10.21 12.81 25.09
N PHE A 97 -10.47 13.97 24.52
CA PHE A 97 -9.56 14.66 23.60
C PHE A 97 -8.68 15.66 24.36
N THR A 98 -7.50 15.85 23.82
CA THR A 98 -6.72 17.08 24.05
C THR A 98 -7.56 18.26 23.60
N GLN A 99 -7.17 19.43 24.07
CA GLN A 99 -7.54 20.67 23.37
C GLN A 99 -7.07 20.61 21.92
N PRO A 100 -7.64 21.44 21.03
CA PRO A 100 -7.24 21.41 19.63
C PRO A 100 -5.77 21.79 19.43
N TYR A 101 -5.07 21.02 18.58
CA TYR A 101 -3.72 21.42 18.09
C TYR A 101 -3.83 22.11 16.75
N ALA A 102 -5.02 22.11 16.14
CA ALA A 102 -5.28 22.71 14.84
C ALA A 102 -6.73 23.15 14.81
N ALA A 103 -6.94 24.34 14.24
CA ALA A 103 -8.31 24.82 14.08
C ALA A 103 -8.95 24.12 12.90
N SER A 104 -10.24 23.89 13.02
CA SER A 104 -11.03 23.35 11.88
C SER A 104 -12.47 23.85 11.97
N GLY A 105 -13.29 23.38 11.07
CA GLY A 105 -14.66 23.87 10.94
C GLY A 105 -15.13 23.62 9.54
N LEU A 106 -16.46 23.51 9.38
CA LEU A 106 -17.04 23.16 8.06
C LEU A 106 -17.23 24.44 7.23
N VAL A 107 -17.01 24.26 5.94
CA VAL A 107 -17.28 25.27 4.88
C VAL A 107 -18.04 24.61 3.74
N VAL A 108 -18.67 25.46 2.89
CA VAL A 108 -19.30 25.07 1.63
C VAL A 108 -18.37 25.44 0.47
N VAL A 109 -18.06 24.44 -0.36
CA VAL A 109 -17.28 24.65 -1.62
C VAL A 109 -18.23 24.51 -2.78
N ALA A 110 -18.13 25.41 -3.77
CA ALA A 110 -19.07 25.38 -4.91
C ALA A 110 -18.36 26.10 -6.04
N PRO A 111 -18.91 26.00 -7.25
CA PRO A 111 -18.46 26.91 -8.33
C PRO A 111 -18.91 28.32 -7.90
N GLY A 112 -18.26 29.39 -8.34
CA GLY A 112 -18.92 30.71 -8.17
C GLY A 112 -20.24 30.77 -8.97
N GLY A 113 -21.10 31.76 -8.69
CA GLY A 113 -22.16 32.13 -9.65
C GLY A 113 -23.25 31.08 -9.83
N THR A 114 -23.59 30.35 -8.76
CA THR A 114 -24.78 29.47 -8.74
C THR A 114 -25.65 29.89 -7.55
N PRO A 115 -26.82 29.25 -7.40
CA PRO A 115 -27.67 29.51 -6.23
C PRO A 115 -27.06 29.20 -4.85
N ILE A 116 -25.97 28.41 -4.84
CA ILE A 116 -25.29 28.06 -3.57
C ILE A 116 -24.41 29.23 -3.15
N LYS A 117 -24.81 30.01 -2.14
CA LYS A 117 -24.05 31.14 -1.60
C LYS A 117 -23.54 30.86 -0.19
N GLY A 118 -23.82 29.68 0.35
CA GLY A 118 -23.44 29.40 1.74
C GLY A 118 -24.37 28.32 2.27
N ILE A 119 -24.23 28.00 3.57
CA ILE A 119 -24.93 26.80 4.09
C ILE A 119 -26.46 27.04 4.10
N GLU A 120 -26.91 28.29 4.25
CA GLU A 120 -28.38 28.50 4.40
C GLU A 120 -29.04 28.27 3.05
N SER A 121 -28.52 28.85 1.97
CA SER A 121 -29.04 28.64 0.61
C SER A 121 -28.89 27.17 0.23
N LEU A 122 -27.87 26.45 0.70
CA LEU A 122 -27.79 25.00 0.44
C LEU A 122 -28.94 24.23 1.13
N ARG A 123 -29.23 24.55 2.40
CA ARG A 123 -30.33 23.88 3.14
C ARG A 123 -31.70 24.22 2.56
N GLU A 124 -31.87 25.42 2.01
CA GLU A 124 -33.18 25.87 1.43
C GLU A 124 -33.46 25.07 0.16
N ARG A 125 -32.43 24.55 -0.49
CA ARG A 125 -32.52 23.85 -1.81
C ARG A 125 -32.52 22.32 -1.62
N ASP A 126 -32.61 21.56 -2.70
CA ASP A 126 -32.76 20.09 -2.65
C ASP A 126 -31.68 19.40 -3.51
N ASP A 127 -30.57 20.10 -3.77
CA ASP A 127 -29.46 19.64 -4.65
C ASP A 127 -28.62 18.58 -3.93
N PRO A 128 -27.94 17.69 -4.68
CA PRO A 128 -26.97 16.76 -4.09
C PRO A 128 -25.77 17.55 -3.53
N ILE A 129 -25.28 17.04 -2.41
CA ILE A 129 -24.19 17.67 -1.61
CA ILE A 129 -24.20 17.66 -1.60
C ILE A 129 -23.13 16.60 -1.36
N GLY A 130 -21.89 16.89 -1.74
CA GLY A 130 -20.77 16.00 -1.44
C GLY A 130 -20.29 16.19 -0.03
N TYR A 131 -19.71 15.11 0.51
CA TYR A 131 -18.95 15.18 1.79
C TYR A 131 -17.84 14.16 1.72
N GLN A 132 -16.88 14.27 2.64
CA GLN A 132 -15.69 13.39 2.57
C GLN A 132 -16.02 12.03 3.19
N VAL A 133 -15.72 10.96 2.47
CA VAL A 133 -15.86 9.55 2.95
C VAL A 133 -15.27 9.44 4.37
N GLY A 134 -16.07 8.90 5.33
CA GLY A 134 -15.56 8.63 6.68
C GLY A 134 -15.73 9.80 7.66
N SER A 135 -16.10 11.01 7.19
CA SER A 135 -16.15 12.24 7.98
C SER A 135 -17.38 12.27 8.89
N PHE A 136 -17.22 12.94 10.02
CA PHE A 136 -18.41 13.31 10.85
C PHE A 136 -19.38 14.15 10.04
N ALA A 137 -18.96 14.84 8.96
CA ALA A 137 -19.82 15.81 8.27
C ALA A 137 -21.13 15.16 7.80
N GLU A 138 -21.10 13.87 7.45
CA GLU A 138 -22.31 13.16 6.98
C GLU A 138 -23.40 13.22 8.06
N SER A 139 -23.02 12.83 9.28
CA SER A 139 -23.96 12.85 10.43
CA SER A 139 -23.93 12.85 10.45
C SER A 139 -24.39 14.27 10.77
N TYR A 140 -23.47 15.22 10.69
CA TYR A 140 -23.77 16.61 11.00
C TYR A 140 -24.84 17.10 10.01
N LEU A 141 -24.61 16.88 8.73
CA LEU A 141 -25.59 17.34 7.71
C LEU A 141 -26.95 16.65 7.99
N ARG A 142 -26.95 15.34 8.14
CA ARG A 142 -28.22 14.56 8.31
C ARG A 142 -28.93 14.97 9.59
N ASN A 143 -28.21 15.02 10.70
CA ASN A 143 -28.86 15.14 12.04
C ASN A 143 -29.00 16.58 12.48
N GLU A 144 -27.97 17.41 12.42
CA GLU A 144 -28.03 18.78 12.92
C GLU A 144 -28.82 19.63 11.94
N LEU A 145 -28.55 19.49 10.64
CA LEU A 145 -29.17 20.37 9.60
C LEU A 145 -30.35 19.71 8.90
N ASN A 146 -30.69 18.46 9.20
CA ASN A 146 -31.89 17.78 8.69
C ASN A 146 -31.83 17.68 7.17
N ILE A 147 -30.64 17.52 6.60
CA ILE A 147 -30.52 17.29 5.15
C ILE A 147 -30.81 15.84 4.86
N SER A 148 -31.63 15.57 3.83
CA SER A 148 -32.03 14.19 3.44
C SER A 148 -30.81 13.36 3.09
N GLU A 149 -30.71 12.14 3.60
CA GLU A 149 -29.56 11.24 3.33
C GLU A 149 -29.48 11.05 1.80
N SER A 150 -30.61 11.15 1.10
CA SER A 150 -30.66 10.93 -0.37
C SER A 150 -29.86 12.00 -1.12
N ARG A 151 -29.64 13.18 -0.53
CA ARG A 151 -28.85 14.25 -1.19
C ARG A 151 -27.36 14.01 -0.95
N LEU A 152 -26.97 13.15 -0.04
CA LEU A 152 -25.55 13.19 0.42
C LEU A 152 -24.71 12.19 -0.36
N VAL A 153 -23.63 12.68 -0.96
CA VAL A 153 -22.78 11.89 -1.87
C VAL A 153 -21.38 11.79 -1.28
N PRO A 154 -20.91 10.58 -0.92
CA PRO A 154 -19.55 10.45 -0.39
C PRO A 154 -18.51 10.56 -1.49
N LEU A 155 -17.46 11.34 -1.21
CA LEU A 155 -16.33 11.56 -2.13
C LEU A 155 -15.05 11.30 -1.39
N GLY A 156 -14.13 10.58 -2.01
CA GLY A 156 -12.95 10.03 -1.32
C GLY A 156 -11.68 10.81 -1.53
N THR A 157 -11.55 11.62 -2.60
CA THR A 157 -10.29 12.26 -3.03
C THR A 157 -10.56 13.64 -3.63
N PRO A 158 -9.52 14.51 -3.71
CA PRO A 158 -9.67 15.79 -4.40
C PRO A 158 -10.03 15.61 -5.89
N GLU A 159 -9.53 14.55 -6.53
CA GLU A 159 -9.98 14.28 -7.92
C GLU A 159 -11.47 13.97 -7.95
N ALA A 160 -11.99 13.23 -6.98
CA ALA A 160 -13.42 12.91 -6.90
C ALA A 160 -14.20 14.20 -6.63
N TYR A 161 -13.68 15.06 -5.77
CA TYR A 161 -14.37 16.34 -5.45
C TYR A 161 -14.51 17.15 -6.74
N ALA A 162 -13.42 17.29 -7.47
CA ALA A 162 -13.39 18.09 -8.70
C ALA A 162 -14.32 17.50 -9.76
N LYS A 163 -14.34 16.18 -9.90
CA LYS A 163 -15.20 15.54 -10.94
C LYS A 163 -16.66 15.82 -10.55
N ALA A 164 -17.01 15.64 -9.28
CA ALA A 164 -18.41 15.80 -8.86
C ALA A 164 -18.85 17.26 -9.06
N LEU A 165 -17.99 18.22 -8.79
CA LEU A 165 -18.34 19.64 -8.92
C LEU A 165 -18.43 19.97 -10.41
N LYS A 166 -17.54 19.42 -11.20
CA LYS A 166 -17.50 19.70 -12.66
C LYS A 166 -18.78 19.15 -13.28
N ASP A 167 -19.14 17.91 -12.98
CA ASP A 167 -20.32 17.21 -13.54
C ASP A 167 -21.60 17.91 -13.08
N GLY A 168 -21.67 18.26 -11.81
CA GLY A 168 -22.81 18.98 -11.25
C GLY A 168 -24.01 18.04 -11.07
N PRO A 169 -25.11 18.54 -10.51
CA PRO A 169 -26.24 17.65 -10.15
C PRO A 169 -26.90 16.81 -11.27
N SER A 170 -26.89 17.31 -12.49
CA SER A 170 -27.59 16.67 -13.64
C SER A 170 -26.79 15.50 -14.20
N LYS A 171 -25.49 15.43 -13.92
CA LYS A 171 -24.60 14.39 -14.50
C LYS A 171 -24.03 13.53 -13.39
N GLY A 172 -24.79 13.32 -12.32
CA GLY A 172 -24.38 12.40 -11.23
C GLY A 172 -23.35 13.02 -10.30
N GLY A 173 -23.15 14.34 -10.32
CA GLY A 173 -22.28 15.02 -9.32
C GLY A 173 -23.07 15.80 -8.31
N VAL A 174 -22.56 16.95 -7.89
CA VAL A 174 -23.07 17.70 -6.73
C VAL A 174 -23.09 19.18 -7.02
N ALA A 175 -23.94 19.92 -6.32
CA ALA A 175 -24.00 21.40 -6.39
C ALA A 175 -22.91 22.02 -5.55
N ALA A 176 -22.44 21.28 -4.53
CA ALA A 176 -21.53 21.82 -3.51
C ALA A 176 -20.99 20.66 -2.70
N ILE A 177 -19.88 20.92 -2.02
CA ILE A 177 -19.28 19.93 -1.11
C ILE A 177 -19.21 20.65 0.23
N VAL A 178 -19.56 19.91 1.28
CA VAL A 178 -19.34 20.39 2.65
C VAL A 178 -18.22 19.59 3.29
N ASP A 179 -17.17 20.28 3.70
CA ASP A 179 -16.02 19.58 4.32
C ASP A 179 -15.27 20.56 5.20
N GLU A 180 -14.34 20.05 5.99
CA GLU A 180 -13.54 20.84 6.92
C GLU A 180 -12.58 21.72 6.16
N ARG A 181 -12.37 22.90 6.67
CA ARG A 181 -11.54 23.92 6.00
C ARG A 181 -10.16 23.38 5.64
N PRO A 182 -9.43 22.64 6.49
CA PRO A 182 -8.06 22.26 6.10
C PRO A 182 -8.02 21.42 4.81
N TYR A 183 -8.97 20.50 4.62
CA TYR A 183 -9.02 19.69 3.41
C TYR A 183 -9.37 20.61 2.26
N VAL A 184 -10.36 21.46 2.46
CA VAL A 184 -10.84 22.35 1.38
C VAL A 184 -9.73 23.28 0.91
N GLU A 185 -8.90 23.84 1.78
CA GLU A 185 -7.81 24.72 1.31
C GLU A 185 -6.85 23.92 0.42
N LEU A 186 -6.49 22.68 0.80
CA LEU A 186 -5.62 21.84 -0.06
C LEU A 186 -6.32 21.58 -1.38
N PHE A 187 -7.57 21.19 -1.34
CA PHE A 187 -8.36 20.93 -2.56
C PHE A 187 -8.30 22.17 -3.48
N LEU A 188 -8.61 23.34 -2.97
CA LEU A 188 -8.76 24.55 -3.86
C LEU A 188 -7.40 24.95 -4.42
N SER A 189 -6.33 24.79 -3.67
CA SER A 189 -4.99 25.17 -4.14
C SER A 189 -4.64 24.42 -5.43
N SER A 190 -5.22 23.24 -5.70
CA SER A 190 -5.02 22.48 -6.96
C SER A 190 -6.28 22.50 -7.85
N ASN A 191 -7.28 23.33 -7.54
CA ASN A 191 -8.61 23.27 -8.21
C ASN A 191 -9.27 24.64 -8.08
N CYS A 192 -8.67 25.68 -8.69
CA CYS A 192 -9.13 27.07 -8.48
C CYS A 192 -10.43 27.43 -9.22
N ALA A 193 -11.03 26.54 -9.97
CA ALA A 193 -12.34 26.78 -10.61
C ALA A 193 -13.43 26.83 -9.54
N TYR A 194 -13.09 26.44 -8.29
CA TYR A 194 -14.09 26.36 -7.19
C TYR A 194 -13.67 27.35 -6.11
N ARG A 195 -14.58 27.58 -5.13
CA ARG A 195 -14.32 28.50 -4.04
C ARG A 195 -15.18 28.16 -2.81
N ILE A 196 -14.74 28.64 -1.65
CA ILE A 196 -15.60 28.68 -0.44
C ILE A 196 -16.65 29.76 -0.68
N VAL A 197 -17.89 29.41 -0.43
CA VAL A 197 -19.03 30.36 -0.48
C VAL A 197 -19.59 30.47 0.92
N GLY A 198 -19.81 31.70 1.36
CA GLY A 198 -20.32 31.91 2.72
C GLY A 198 -19.23 31.77 3.76
N GLN A 199 -19.64 31.66 5.02
CA GLN A 199 -18.72 31.61 6.16
C GLN A 199 -18.52 30.17 6.63
N GLU A 200 -17.43 29.95 7.34
CA GLU A 200 -17.18 28.73 8.12
C GLU A 200 -18.27 28.68 9.21
N PHE A 201 -19.04 27.61 9.26
CA PHE A 201 -20.28 27.61 10.05
C PHE A 201 -20.26 26.59 11.20
N THR A 202 -19.14 25.88 11.37
CA THR A 202 -18.80 25.16 12.63
C THR A 202 -17.34 25.45 12.98
N LYS A 203 -16.85 24.99 14.14
CA LYS A 203 -15.50 25.37 14.58
C LYS A 203 -14.85 24.30 15.45
N SER A 204 -15.20 23.03 15.33
CA SER A 204 -14.50 22.00 16.12
C SER A 204 -13.09 21.85 15.58
N GLY A 205 -12.11 21.81 16.45
CA GLY A 205 -10.73 21.58 16.06
C GLY A 205 -10.38 20.10 15.98
N TRP A 206 -9.10 19.85 15.74
CA TRP A 206 -8.54 18.49 15.75
C TRP A 206 -7.82 18.27 17.08
N GLY A 207 -8.01 17.10 17.68
CA GLY A 207 -7.30 16.75 18.93
C GLY A 207 -6.81 15.33 18.87
N PHE A 208 -5.97 14.98 19.81
CA PHE A 208 -5.52 13.60 20.06
C PHE A 208 -6.48 12.97 21.07
N ALA A 209 -6.83 11.70 20.88
CA ALA A 209 -7.90 11.06 21.66
C ALA A 209 -7.31 9.96 22.55
N PHE A 210 -7.83 9.88 23.78
CA PHE A 210 -7.42 8.90 24.80
C PHE A 210 -8.62 8.41 25.59
N PRO A 211 -8.47 7.38 26.41
CA PRO A 211 -9.61 6.94 27.19
C PRO A 211 -10.09 8.04 28.14
N ARG A 212 -11.37 7.96 28.49
CA ARG A 212 -11.98 8.87 29.50
C ARG A 212 -11.13 8.84 30.75
N ASP A 213 -10.85 10.02 31.25
CA ASP A 213 -10.07 10.30 32.48
C ASP A 213 -8.57 10.15 32.26
N SER A 214 -8.10 9.99 31.02
CA SER A 214 -6.66 9.82 30.75
C SER A 214 -5.89 11.10 31.06
N PRO A 215 -4.85 11.05 31.90
CA PRO A 215 -4.06 12.26 32.13
C PRO A 215 -3.30 12.70 30.87
N LEU A 216 -3.10 11.84 29.88
CA LEU A 216 -2.42 12.28 28.63
C LEU A 216 -3.22 13.39 27.93
N ALA A 217 -4.52 13.32 27.97
CA ALA A 217 -5.39 14.28 27.26
C ALA A 217 -5.17 15.62 27.95
N ILE A 218 -4.90 15.63 29.27
CA ILE A 218 -4.61 16.89 29.98
C ILE A 218 -3.21 17.37 29.66
N ASP A 219 -2.19 16.55 29.95
CA ASP A 219 -0.78 16.97 29.84
C ASP A 219 -0.45 17.39 28.41
N LEU A 220 -0.97 16.71 27.38
CA LEU A 220 -0.64 17.12 26.00
C LEU A 220 -1.29 18.46 25.66
N SER A 221 -2.35 18.91 26.35
CA SER A 221 -2.90 20.24 26.05
C SER A 221 -1.94 21.35 26.56
N THR A 222 -1.22 21.06 27.65
CA THR A 222 -0.15 21.99 28.09
C THR A 222 1.00 22.00 27.08
N ALA A 223 1.37 20.85 26.57
CA ALA A 223 2.40 20.77 25.53
C ALA A 223 1.98 21.59 24.30
N ILE A 224 0.72 21.47 23.91
CA ILE A 224 0.18 22.25 22.76
C ILE A 224 0.38 23.76 23.02
N LEU A 225 0.10 24.24 24.23
CA LEU A 225 0.33 25.65 24.58
C LEU A 225 1.78 26.02 24.28
N GLU A 226 2.69 25.17 24.68
CA GLU A 226 4.14 25.46 24.52
C GLU A 226 4.51 25.46 23.04
N LEU A 227 3.98 24.52 22.26
CA LEU A 227 4.24 24.53 20.79
C LEU A 227 3.65 25.79 20.14
N ALA A 228 2.48 26.23 20.57
CA ALA A 228 1.85 27.45 20.06
C ALA A 228 2.75 28.64 20.40
N GLU A 229 3.21 28.75 21.65
CA GLU A 229 4.01 29.93 22.09
C GLU A 229 5.39 29.93 21.43
N ASN A 230 6.00 28.77 21.23
CA ASN A 230 7.42 28.72 20.78
C ASN A 230 7.52 28.79 19.24
N GLY A 231 6.39 28.80 18.53
CA GLY A 231 6.30 28.94 17.07
C GLY A 231 6.35 27.59 16.37
N ASP A 232 6.52 26.49 17.12
CA ASP A 232 6.63 25.15 16.48
C ASP A 232 5.29 24.73 15.85
N LEU A 233 4.14 25.10 16.38
CA LEU A 233 2.87 24.71 15.74
C LEU A 233 2.78 25.35 14.35
N GLN A 234 3.15 26.62 14.24
CA GLN A 234 3.15 27.32 12.92
C GLN A 234 4.21 26.72 12.01
N ARG A 235 5.41 26.44 12.51
CA ARG A 235 6.51 25.88 11.69
C ARG A 235 6.07 24.50 11.13
N ILE A 236 5.42 23.67 11.95
CA ILE A 236 5.01 22.32 11.45
C ILE A 236 3.88 22.51 10.43
N HIS A 237 2.98 23.46 10.66
CA HIS A 237 1.97 23.84 9.64
C HIS A 237 2.65 24.23 8.35
N ASP A 238 3.64 25.11 8.42
CA ASP A 238 4.32 25.59 7.18
C ASP A 238 5.06 24.45 6.47
N LYS A 239 5.61 23.50 7.21
CA LYS A 239 6.33 22.35 6.65
C LYS A 239 5.41 21.55 5.71
N TRP A 240 4.17 21.33 6.12
CA TRP A 240 3.31 20.35 5.41
C TRP A 240 2.24 21.03 4.58
N LEU A 241 1.78 22.23 4.96
CA LEU A 241 0.44 22.71 4.49
C LEU A 241 0.53 24.07 3.81
N MET A 242 1.72 24.52 3.44
CA MET A 242 1.85 25.77 2.65
C MET A 242 1.22 25.45 1.31
N LYS A 243 0.32 26.28 0.83
CA LYS A 243 -0.28 26.03 -0.49
C LYS A 243 -0.27 27.34 -1.30
N ASN A 244 -0.44 27.17 -2.59
CA ASN A 244 -0.54 28.21 -3.63
C ASN A 244 -1.99 28.72 -3.53
N ALA A 245 -2.21 29.92 -3.01
CA ALA A 245 -3.56 30.54 -2.96
C ALA A 245 -4.06 30.72 -4.40
N CYS A 246 -5.36 30.63 -4.61
CA CYS A 246 -5.98 30.85 -5.96
C CYS A 246 -6.08 32.35 -6.24
N THR A 247 -6.23 33.15 -5.19
CA THR A 247 -6.33 34.63 -5.27
C THR A 247 -4.98 35.23 -4.91
N GLU B 6 23.86 23.55 -20.77
CA GLU B 6 23.35 22.21 -21.22
C GLU B 6 22.35 21.62 -20.20
N LEU B 7 21.13 21.33 -20.60
CA LEU B 7 20.12 20.76 -19.69
C LEU B 7 20.34 19.24 -19.55
N LYS B 8 20.23 18.75 -18.33
CA LYS B 8 20.25 17.31 -18.04
C LYS B 8 18.83 16.79 -18.11
N ILE B 9 18.50 16.08 -19.18
CA ILE B 9 17.10 15.67 -19.42
C ILE B 9 17.02 14.16 -19.15
N GLY B 10 16.25 13.79 -18.14
CA GLY B 10 16.01 12.38 -17.86
C GLY B 10 15.13 11.75 -18.93
N VAL B 11 15.41 10.49 -19.29
CA VAL B 11 14.61 9.73 -20.28
C VAL B 11 14.39 8.35 -19.72
N PRO B 12 13.14 7.85 -19.62
CA PRO B 12 12.94 6.52 -19.05
C PRO B 12 13.59 5.40 -19.87
N LEU B 13 14.28 4.50 -19.19
CA LEU B 13 14.95 3.36 -19.81
C LEU B 13 13.90 2.25 -19.99
N ARG B 14 13.02 2.38 -20.98
CA ARG B 14 11.97 1.41 -21.22
C ARG B 14 12.56 0.08 -21.68
N VAL B 15 11.90 -1.01 -21.29
CA VAL B 15 12.28 -2.37 -21.64
C VAL B 15 11.28 -2.96 -22.60
N SER B 16 10.24 -2.23 -22.96
CA SER B 16 9.13 -2.74 -23.78
C SER B 16 8.46 -1.54 -24.43
N TYR B 17 7.64 -1.79 -25.45
CA TYR B 17 6.94 -0.72 -26.19
C TYR B 17 7.96 0.36 -26.56
N LYS B 18 9.10 -0.08 -27.11
CA LYS B 18 10.25 0.79 -27.40
C LYS B 18 9.97 1.74 -28.58
N GLU B 19 8.90 1.54 -29.33
CA GLU B 19 8.47 2.50 -30.37
C GLU B 19 8.31 3.87 -29.73
N PHE B 20 7.94 3.96 -28.45
CA PHE B 20 7.75 5.30 -27.84
C PHE B 20 9.09 5.96 -27.52
N VAL B 21 9.96 5.21 -26.84
CA VAL B 21 11.31 5.71 -26.50
C VAL B 21 12.16 4.52 -26.08
N SER B 22 13.40 4.51 -26.53
CA SER B 22 14.38 3.53 -26.03
C SER B 22 15.79 4.08 -26.15
N GLN B 23 16.67 3.52 -25.33
CA GLN B 23 18.08 3.86 -25.41
C GLN B 23 18.67 3.07 -26.58
N ILE B 24 19.53 3.70 -27.35
CA ILE B 24 20.24 3.07 -28.49
C ILE B 24 21.29 2.14 -27.89
N ARG B 25 21.24 0.84 -28.27
CA ARG B 25 22.10 -0.21 -27.68
C ARG B 25 23.58 0.18 -27.88
N GLY B 26 24.34 -0.04 -26.83
CA GLY B 26 25.77 0.27 -26.79
C GLY B 26 26.00 1.72 -26.41
N THR B 27 24.96 2.50 -26.12
CA THR B 27 25.12 3.93 -25.74
C THR B 27 24.49 4.20 -24.37
N GLU B 28 25.02 5.22 -23.71
CA GLU B 28 24.45 5.70 -22.44
C GLU B 28 23.43 6.81 -22.67
N ASN B 29 23.70 7.71 -23.63
CA ASN B 29 23.02 9.02 -23.74
C ASN B 29 22.27 9.19 -25.04
N MET B 30 22.17 8.19 -25.88
CA MET B 30 21.48 8.32 -27.17
CA MET B 30 21.50 8.30 -27.18
C MET B 30 20.16 7.54 -27.13
N PHE B 31 19.10 8.21 -27.56
CA PHE B 31 17.72 7.66 -27.49
C PHE B 31 17.02 7.87 -28.82
N LYS B 32 16.05 7.01 -29.08
CA LYS B 32 15.24 7.14 -30.30
C LYS B 32 13.79 6.80 -29.95
N GLY B 33 12.90 7.10 -30.87
CA GLY B 33 11.49 6.75 -30.71
C GLY B 33 10.59 7.92 -31.03
N PHE B 34 9.29 7.62 -31.06
CA PHE B 34 8.22 8.63 -31.24
C PHE B 34 8.42 9.86 -30.35
N CYS B 35 8.58 9.60 -29.05
CA CYS B 35 8.67 10.72 -28.08
C CYS B 35 9.92 11.58 -28.30
N ILE B 36 11.05 10.97 -28.64
CA ILE B 36 12.32 11.66 -28.95
C ILE B 36 12.17 12.48 -30.23
N ASP B 37 11.59 11.88 -31.27
CA ASP B 37 11.38 12.62 -32.53
C ASP B 37 10.48 13.85 -32.29
N VAL B 38 9.41 13.71 -31.54
CA VAL B 38 8.54 14.89 -31.26
C VAL B 38 9.34 15.96 -30.53
N PHE B 39 10.05 15.57 -29.48
CA PHE B 39 10.84 16.54 -28.70
C PHE B 39 11.85 17.27 -29.56
N THR B 40 12.58 16.54 -30.36
CA THR B 40 13.66 17.11 -31.20
CA THR B 40 13.68 17.20 -31.12
C THR B 40 13.05 18.08 -32.21
N ALA B 41 11.96 17.63 -32.83
CA ALA B 41 11.23 18.43 -33.83
C ALA B 41 10.75 19.72 -33.18
N ALA B 42 10.16 19.64 -31.98
CA ALA B 42 9.67 20.83 -31.27
C ALA B 42 10.82 21.78 -30.91
N VAL B 43 11.91 21.27 -30.35
CA VAL B 43 13.06 22.10 -30.00
C VAL B 43 13.60 22.81 -31.25
N ASN B 44 13.62 22.13 -32.37
CA ASN B 44 14.18 22.70 -33.64
C ASN B 44 13.31 23.87 -34.14
N LEU B 45 12.09 24.05 -33.63
CA LEU B 45 11.24 25.21 -34.01
C LEU B 45 11.42 26.39 -33.07
N LEU B 46 12.16 26.27 -31.97
CA LEU B 46 12.37 27.41 -31.08
C LEU B 46 13.38 28.37 -31.67
N PRO B 47 13.30 29.68 -31.33
CA PRO B 47 14.24 30.65 -31.89
C PRO B 47 15.55 30.78 -31.13
N TYR B 48 15.82 29.84 -30.23
CA TYR B 48 17.06 29.84 -29.44
C TYR B 48 17.47 28.38 -29.36
N ALA B 49 18.74 28.16 -29.05
CA ALA B 49 19.33 26.82 -28.97
C ALA B 49 18.96 26.29 -27.58
N VAL B 50 18.76 24.99 -27.51
CA VAL B 50 18.52 24.30 -26.22
C VAL B 50 19.44 23.09 -26.21
N PRO B 51 20.65 23.26 -25.71
CA PRO B 51 21.56 22.12 -25.63
C PRO B 51 21.08 21.16 -24.50
N VAL B 52 21.06 19.88 -24.86
CA VAL B 52 20.44 18.83 -24.01
C VAL B 52 21.42 17.67 -23.93
N LYS B 53 21.54 17.06 -22.78
CA LYS B 53 22.11 15.72 -22.63
C LYS B 53 21.04 14.81 -22.02
N PHE B 54 20.73 13.74 -22.72
CA PHE B 54 19.74 12.79 -22.26
C PHE B 54 20.40 11.84 -21.27
N ILE B 55 19.75 11.63 -20.15
CA ILE B 55 20.29 10.83 -19.01
C ILE B 55 19.34 9.66 -18.81
N PRO B 56 19.76 8.40 -18.92
CA PRO B 56 18.80 7.31 -18.74
C PRO B 56 18.34 7.25 -17.29
N TYR B 57 17.07 6.96 -17.10
CA TYR B 57 16.48 6.68 -15.78
C TYR B 57 15.88 5.27 -15.74
N GLY B 58 16.46 4.38 -14.96
CA GLY B 58 15.90 3.05 -14.72
C GLY B 58 17.01 2.04 -14.44
N ASN B 59 16.63 0.85 -14.01
CA ASN B 59 17.63 -0.19 -13.71
C ASN B 59 17.98 -1.01 -14.94
N GLY B 60 17.37 -0.78 -16.10
CA GLY B 60 17.60 -1.53 -17.34
C GLY B 60 16.97 -2.91 -17.35
N LYS B 61 16.29 -3.31 -16.32
CA LYS B 61 15.66 -4.67 -16.17
C LYS B 61 14.15 -4.57 -16.35
N GLU B 62 13.57 -3.54 -15.78
CA GLU B 62 12.13 -3.27 -15.92
C GLU B 62 11.92 -1.76 -16.05
N ASN B 63 10.74 -1.39 -16.48
CA ASN B 63 10.43 0.04 -16.57
C ASN B 63 10.62 0.67 -15.18
N PRO B 64 11.11 1.93 -15.11
CA PRO B 64 11.21 2.65 -13.85
C PRO B 64 9.86 3.14 -13.34
N SER B 65 9.81 3.54 -12.09
CA SER B 65 8.72 4.37 -11.52
C SER B 65 8.70 5.71 -12.24
N TYR B 66 7.67 5.95 -13.06
CA TYR B 66 7.59 7.20 -13.81
C TYR B 66 7.41 8.38 -12.86
N THR B 67 6.66 8.20 -11.79
CA THR B 67 6.47 9.30 -10.82
C THR B 67 7.80 9.64 -10.14
N HIS B 68 8.58 8.65 -9.76
CA HIS B 68 9.90 8.93 -9.13
C HIS B 68 10.84 9.59 -10.15
N MET B 69 10.73 9.22 -11.42
CA MET B 69 11.51 9.86 -12.51
C MET B 69 11.16 11.36 -12.50
N VAL B 70 9.88 11.72 -12.51
CA VAL B 70 9.51 13.16 -12.57
C VAL B 70 9.98 13.87 -11.29
N GLU B 71 9.97 13.18 -10.14
CA GLU B 71 10.47 13.79 -8.87
C GLU B 71 11.94 14.20 -8.99
N MET B 72 12.71 13.59 -9.89
CA MET B 72 14.12 13.97 -10.09
C MET B 72 14.20 15.45 -10.46
N ILE B 73 13.17 16.03 -11.05
CA ILE B 73 13.20 17.47 -11.39
C ILE B 73 13.18 18.31 -10.12
N THR B 74 12.33 17.94 -9.15
CA THR B 74 12.08 18.76 -7.93
C THR B 74 13.31 18.79 -7.03
N THR B 75 14.18 17.78 -7.10
CA THR B 75 15.42 17.73 -6.29
C THR B 75 16.56 18.40 -7.04
N GLY B 76 16.35 18.81 -8.31
CA GLY B 76 17.37 19.38 -9.18
C GLY B 76 18.30 18.37 -9.78
N ASN B 77 18.04 17.06 -9.64
CA ASN B 77 18.87 16.05 -10.32
CA ASN B 77 18.81 16.00 -10.31
C ASN B 77 18.70 16.16 -11.83
N PHE B 78 17.50 16.43 -12.32
CA PHE B 78 17.25 16.63 -13.76
C PHE B 78 16.76 18.07 -13.95
N ASP B 79 17.04 18.61 -15.13
CA ASP B 79 16.49 19.91 -15.58
C ASP B 79 15.14 19.69 -16.27
N GLY B 80 14.81 18.45 -16.61
CA GLY B 80 13.56 18.12 -17.29
C GLY B 80 13.53 16.64 -17.57
N VAL B 81 12.37 16.16 -18.01
CA VAL B 81 12.16 14.74 -18.36
C VAL B 81 11.43 14.67 -19.70
N VAL B 82 11.96 13.86 -20.59
CA VAL B 82 11.39 13.64 -21.97
C VAL B 82 11.06 12.18 -22.13
N GLY B 83 9.78 11.88 -22.36
CA GLY B 83 9.35 10.52 -22.59
C GLY B 83 7.85 10.49 -22.62
N ASP B 84 7.35 9.30 -22.45
CA ASP B 84 5.94 8.92 -22.57
C ASP B 84 5.30 9.09 -21.20
N VAL B 85 5.30 10.33 -20.72
CA VAL B 85 4.95 10.65 -19.33
C VAL B 85 3.56 11.27 -19.23
N ALA B 86 2.65 10.54 -18.58
CA ALA B 86 1.27 11.00 -18.39
C ALA B 86 1.19 12.24 -17.51
N ILE B 87 0.41 13.22 -17.93
CA ILE B 87 0.25 14.53 -17.27
C ILE B 87 -0.85 14.38 -16.21
N VAL B 88 -0.49 13.78 -15.07
CA VAL B 88 -1.48 13.37 -14.03
C VAL B 88 -1.32 14.28 -12.81
N THR B 89 -2.38 14.32 -11.99
CA THR B 89 -2.52 15.41 -11.00
C THR B 89 -1.36 15.39 -10.02
N ASN B 90 -0.89 14.26 -9.54
CA ASN B 90 0.18 14.27 -8.52
C ASN B 90 1.48 14.78 -9.13
N ARG B 91 1.64 14.75 -10.45
CA ARG B 91 2.87 15.24 -11.09
C ARG B 91 2.73 16.73 -11.42
N THR B 92 1.56 17.19 -11.90
CA THR B 92 1.40 18.64 -12.22
C THR B 92 1.54 19.49 -10.96
N LYS B 93 1.32 18.91 -9.79
CA LYS B 93 1.45 19.64 -8.53
C LYS B 93 2.93 20.04 -8.34
N ILE B 94 3.88 19.28 -8.89
CA ILE B 94 5.30 19.39 -8.53
C ILE B 94 6.19 19.85 -9.68
N VAL B 95 5.76 19.70 -10.94
CA VAL B 95 6.54 20.12 -12.12
C VAL B 95 5.57 20.75 -13.12
N ASP B 96 6.13 21.44 -14.11
CA ASP B 96 5.32 22.00 -15.21
C ASP B 96 5.51 21.12 -16.43
N PHE B 97 4.41 20.73 -17.00
CA PHE B 97 4.43 20.00 -18.29
C PHE B 97 4.10 20.96 -19.44
N THR B 98 4.61 20.63 -20.62
CA THR B 98 4.04 21.14 -21.88
C THR B 98 2.57 20.72 -21.89
N GLN B 99 1.80 21.36 -22.79
CA GLN B 99 0.56 20.77 -23.23
C GLN B 99 0.85 19.42 -23.85
N PRO B 100 -0.15 18.53 -23.95
CA PRO B 100 0.08 17.21 -24.50
C PRO B 100 0.55 17.21 -25.95
N TYR B 101 1.55 16.39 -26.25
CA TYR B 101 1.96 16.16 -27.66
C TYR B 101 1.34 14.84 -28.16
N ALA B 102 0.67 14.08 -27.31
CA ALA B 102 0.03 12.80 -27.65
C ALA B 102 -1.16 12.64 -26.70
N ALA B 103 -2.31 12.19 -27.22
CA ALA B 103 -3.45 11.84 -26.38
C ALA B 103 -3.24 10.49 -25.71
N SER B 104 -3.80 10.33 -24.51
CA SER B 104 -3.71 9.05 -23.80
C SER B 104 -4.90 8.93 -22.85
N GLY B 105 -4.91 7.87 -22.06
CA GLY B 105 -6.01 7.58 -21.14
C GLY B 105 -6.12 6.11 -20.87
N LEU B 106 -6.65 5.75 -19.71
CA LEU B 106 -6.72 4.33 -19.31
C LEU B 106 -7.89 3.63 -20.00
N VAL B 107 -7.63 2.40 -20.38
CA VAL B 107 -8.67 1.46 -20.91
C VAL B 107 -8.50 0.10 -20.25
N VAL B 108 -9.56 -0.71 -20.38
CA VAL B 108 -9.57 -2.11 -19.96
C VAL B 108 -9.37 -2.98 -21.20
N VAL B 109 -8.42 -3.90 -21.12
CA VAL B 109 -8.19 -4.92 -22.17
C VAL B 109 -8.45 -6.29 -21.57
N ALA B 110 -9.14 -7.16 -22.33
CA ALA B 110 -9.58 -8.49 -21.84
C ALA B 110 -9.73 -9.42 -23.06
N PRO B 111 -9.91 -10.73 -22.79
CA PRO B 111 -10.16 -11.68 -23.88
C PRO B 111 -11.45 -11.36 -24.63
N GLY B 112 -11.40 -11.58 -25.95
CA GLY B 112 -12.42 -11.24 -26.96
C GLY B 112 -13.87 -11.51 -26.57
N GLY B 113 -14.15 -12.59 -25.83
CA GLY B 113 -15.55 -12.99 -25.55
C GLY B 113 -15.91 -12.80 -24.09
N THR B 114 -15.09 -12.06 -23.35
CA THR B 114 -15.28 -11.82 -21.90
C THR B 114 -16.67 -11.25 -21.63
N PRO B 115 -17.16 -11.48 -20.41
CA PRO B 115 -18.30 -10.78 -19.86
C PRO B 115 -17.95 -9.43 -19.18
N ILE B 116 -16.65 -9.18 -18.90
CA ILE B 116 -16.17 -7.86 -18.38
C ILE B 116 -16.60 -6.78 -19.35
N LYS B 117 -17.30 -5.76 -18.86
CA LYS B 117 -17.84 -4.70 -19.72
C LYS B 117 -16.94 -3.46 -19.71
N GLY B 118 -16.02 -3.38 -18.74
CA GLY B 118 -15.30 -2.11 -18.50
C GLY B 118 -14.84 -2.01 -17.08
N ILE B 119 -14.41 -0.82 -16.66
CA ILE B 119 -13.75 -0.65 -15.35
C ILE B 119 -14.76 -0.92 -14.19
N GLU B 120 -16.01 -0.56 -14.32
CA GLU B 120 -17.01 -0.87 -13.26
C GLU B 120 -17.14 -2.39 -13.03
N SER B 121 -17.11 -3.22 -14.08
CA SER B 121 -17.05 -4.71 -13.92
C SER B 121 -15.87 -5.10 -13.04
N LEU B 122 -14.67 -4.57 -13.32
CA LEU B 122 -13.47 -4.88 -12.50
C LEU B 122 -13.63 -4.46 -11.06
N ARG B 123 -14.21 -3.29 -10.81
CA ARG B 123 -14.34 -2.82 -9.40
C ARG B 123 -15.30 -3.77 -8.65
N GLU B 124 -16.25 -4.33 -9.35
CA GLU B 124 -17.24 -5.26 -8.72
C GLU B 124 -16.63 -6.63 -8.39
N ARG B 125 -15.58 -7.09 -9.09
CA ARG B 125 -14.98 -8.44 -8.92
C ARG B 125 -13.86 -8.41 -7.89
N ASP B 126 -13.32 -9.57 -7.54
CA ASP B 126 -12.28 -9.76 -6.50
C ASP B 126 -11.00 -10.34 -7.12
N ASP B 127 -11.00 -10.50 -8.43
CA ASP B 127 -9.89 -11.31 -9.01
C ASP B 127 -8.87 -10.35 -9.62
N PRO B 128 -7.70 -10.91 -10.00
CA PRO B 128 -6.56 -10.05 -10.31
C PRO B 128 -6.74 -9.19 -11.56
N ILE B 129 -6.05 -8.04 -11.53
CA ILE B 129 -6.04 -7.01 -12.58
C ILE B 129 -4.56 -6.72 -12.89
N GLY B 130 -4.18 -6.84 -14.15
CA GLY B 130 -2.85 -6.43 -14.60
C GLY B 130 -2.73 -4.92 -14.81
N TYR B 131 -1.51 -4.40 -14.69
CA TYR B 131 -1.19 -3.02 -15.09
C TYR B 131 0.29 -2.98 -15.44
N GLN B 132 0.74 -1.91 -16.08
CA GLN B 132 2.12 -1.79 -16.57
C GLN B 132 3.09 -1.36 -15.48
N VAL B 133 4.16 -2.12 -15.32
CA VAL B 133 5.22 -1.83 -14.34
C VAL B 133 5.57 -0.33 -14.45
N GLY B 134 5.54 0.40 -13.34
CA GLY B 134 6.04 1.77 -13.25
C GLY B 134 5.01 2.84 -13.57
N SER B 135 3.84 2.44 -14.01
CA SER B 135 2.74 3.31 -14.46
C SER B 135 2.05 3.97 -13.26
N PHE B 136 1.58 5.19 -13.48
CA PHE B 136 0.67 5.87 -12.55
C PHE B 136 -0.58 5.00 -12.33
N ALA B 137 -0.92 4.10 -13.23
CA ALA B 137 -2.19 3.34 -13.16
C ALA B 137 -2.30 2.62 -11.81
N GLU B 138 -1.20 2.16 -11.22
CA GLU B 138 -1.18 1.41 -9.93
C GLU B 138 -1.84 2.30 -8.87
N SER B 139 -1.37 3.52 -8.77
CA SER B 139 -1.84 4.48 -7.76
C SER B 139 -3.30 4.87 -8.08
N TYR B 140 -3.63 5.05 -9.35
CA TYR B 140 -4.99 5.43 -9.78
C TYR B 140 -5.98 4.32 -9.33
N LEU B 141 -5.65 3.06 -9.65
CA LEU B 141 -6.54 1.94 -9.30
C LEU B 141 -6.72 1.83 -7.78
N ARG B 142 -5.65 1.99 -7.01
CA ARG B 142 -5.67 1.87 -5.54
C ARG B 142 -6.40 3.05 -4.92
N ASN B 143 -6.04 4.27 -5.29
CA ASN B 143 -6.47 5.44 -4.50
C ASN B 143 -7.73 6.09 -5.07
N GLU B 144 -7.98 6.01 -6.37
CA GLU B 144 -9.19 6.65 -6.95
C GLU B 144 -10.33 5.63 -7.09
N LEU B 145 -10.02 4.37 -7.41
CA LEU B 145 -11.05 3.35 -7.75
C LEU B 145 -11.21 2.32 -6.65
N ASN B 146 -10.42 2.40 -5.56
CA ASN B 146 -10.62 1.57 -4.33
C ASN B 146 -10.39 0.10 -4.64
N ILE B 147 -9.50 -0.18 -5.59
CA ILE B 147 -9.12 -1.58 -5.91
C ILE B 147 -8.09 -2.06 -4.92
N SER B 148 -8.32 -3.22 -4.28
CA SER B 148 -7.35 -3.75 -3.31
C SER B 148 -5.98 -3.92 -3.97
N GLU B 149 -4.94 -3.50 -3.24
CA GLU B 149 -3.53 -3.69 -3.66
C GLU B 149 -3.26 -5.16 -3.98
N SER B 150 -3.82 -6.10 -3.25
CA SER B 150 -3.57 -7.55 -3.39
C SER B 150 -4.09 -8.09 -4.73
N ARG B 151 -4.93 -7.35 -5.47
CA ARG B 151 -5.45 -7.78 -6.77
C ARG B 151 -4.48 -7.38 -7.89
N LEU B 152 -3.57 -6.45 -7.63
CA LEU B 152 -2.82 -5.78 -8.73
C LEU B 152 -1.60 -6.60 -9.13
N VAL B 153 -1.44 -6.82 -10.43
CA VAL B 153 -0.35 -7.68 -10.94
C VAL B 153 0.47 -6.86 -11.94
N PRO B 154 1.70 -6.47 -11.61
CA PRO B 154 2.54 -5.69 -12.52
C PRO B 154 3.03 -6.55 -13.67
N LEU B 155 2.90 -6.04 -14.88
CA LEU B 155 3.28 -6.73 -16.12
C LEU B 155 4.10 -5.80 -16.96
N GLY B 156 5.21 -6.29 -17.52
CA GLY B 156 6.24 -5.36 -18.03
C GLY B 156 6.30 -5.25 -19.54
N THR B 157 5.73 -6.22 -20.28
CA THR B 157 5.87 -6.38 -21.76
C THR B 157 4.57 -6.86 -22.37
N PRO B 158 4.34 -6.63 -23.69
CA PRO B 158 3.14 -7.13 -24.35
C PRO B 158 3.12 -8.67 -24.33
N GLU B 159 4.30 -9.33 -24.33
CA GLU B 159 4.34 -10.81 -24.24
C GLU B 159 3.77 -11.26 -22.91
N ALA B 160 4.11 -10.56 -21.81
CA ALA B 160 3.60 -10.87 -20.46
C ALA B 160 2.12 -10.52 -20.38
N TYR B 161 1.70 -9.44 -21.03
CA TYR B 161 0.25 -9.10 -21.09
C TYR B 161 -0.53 -10.30 -21.65
N ALA B 162 -0.09 -10.80 -22.81
CA ALA B 162 -0.83 -11.89 -23.52
C ALA B 162 -0.82 -13.14 -22.64
N LYS B 163 0.31 -13.49 -22.05
CA LYS B 163 0.37 -14.68 -21.19
C LYS B 163 -0.58 -14.54 -20.01
N ALA B 164 -0.60 -13.38 -19.34
CA ALA B 164 -1.43 -13.19 -18.15
C ALA B 164 -2.90 -13.33 -18.54
N LEU B 165 -3.30 -12.83 -19.69
CA LEU B 165 -4.71 -12.82 -20.14
C LEU B 165 -5.05 -14.25 -20.60
N LYS B 166 -4.11 -14.92 -21.24
CA LYS B 166 -4.36 -16.32 -21.70
C LYS B 166 -4.49 -17.23 -20.48
N ASP B 167 -3.58 -17.14 -19.52
CA ASP B 167 -3.59 -18.00 -18.32
C ASP B 167 -4.82 -17.69 -17.47
N GLY B 168 -5.17 -16.42 -17.35
CA GLY B 168 -6.36 -16.07 -16.57
C GLY B 168 -6.14 -16.17 -15.07
N PRO B 169 -7.18 -15.74 -14.32
CA PRO B 169 -7.08 -15.51 -12.90
C PRO B 169 -6.79 -16.71 -12.00
N SER B 170 -7.05 -17.94 -12.45
CA SER B 170 -6.77 -19.19 -11.68
C SER B 170 -5.32 -19.65 -11.87
N LYS B 171 -4.69 -19.35 -13.01
CA LYS B 171 -3.35 -19.88 -13.38
C LYS B 171 -2.29 -18.79 -13.27
N GLY B 172 -2.44 -17.91 -12.28
CA GLY B 172 -1.42 -16.92 -11.91
C GLY B 172 -1.49 -15.71 -12.83
N GLY B 173 -2.53 -15.64 -13.64
CA GLY B 173 -2.77 -14.54 -14.58
C GLY B 173 -3.81 -13.57 -14.09
N VAL B 174 -4.48 -12.90 -15.02
CA VAL B 174 -5.39 -11.77 -14.66
C VAL B 174 -6.68 -11.89 -15.46
N ALA B 175 -7.74 -11.29 -14.95
CA ALA B 175 -9.03 -11.21 -15.67
C ALA B 175 -8.98 -10.16 -16.78
N ALA B 176 -8.15 -9.11 -16.60
CA ALA B 176 -8.07 -7.97 -17.50
C ALA B 176 -6.82 -7.17 -17.16
N ILE B 177 -6.44 -6.33 -18.10
CA ILE B 177 -5.32 -5.35 -17.87
C ILE B 177 -5.84 -3.94 -18.03
N VAL B 178 -5.41 -3.08 -17.13
CA VAL B 178 -5.69 -1.64 -17.20
C VAL B 178 -4.41 -0.96 -17.64
N ASP B 179 -4.42 -0.29 -18.76
CA ASP B 179 -3.23 0.47 -19.19
C ASP B 179 -3.64 1.58 -20.13
N GLU B 180 -2.71 2.47 -20.42
CA GLU B 180 -2.98 3.61 -21.31
C GLU B 180 -3.17 3.15 -22.75
N ARG B 181 -4.08 3.80 -23.45
CA ARG B 181 -4.48 3.40 -24.81
C ARG B 181 -3.28 3.26 -25.75
N PRO B 182 -2.22 4.10 -25.79
CA PRO B 182 -1.15 3.91 -26.79
C PRO B 182 -0.47 2.55 -26.66
N TYR B 183 -0.17 2.08 -25.45
CA TYR B 183 0.48 0.76 -25.28
C TYR B 183 -0.51 -0.33 -25.70
N VAL B 184 -1.77 -0.15 -25.29
CA VAL B 184 -2.81 -1.17 -25.55
C VAL B 184 -2.99 -1.31 -27.07
N GLU B 185 -2.96 -0.22 -27.83
CA GLU B 185 -3.06 -0.32 -29.33
C GLU B 185 -1.87 -1.12 -29.90
N LEU B 186 -0.65 -0.90 -29.42
CA LEU B 186 0.50 -1.71 -29.91
C LEU B 186 0.32 -3.17 -29.48
N PHE B 187 -0.10 -3.41 -28.24
CA PHE B 187 -0.34 -4.77 -27.74
C PHE B 187 -1.34 -5.46 -28.69
N LEU B 188 -2.46 -4.79 -28.98
CA LEU B 188 -3.54 -5.48 -29.77
C LEU B 188 -3.01 -5.79 -31.15
N SER B 189 -2.24 -4.88 -31.72
CA SER B 189 -1.66 -5.10 -33.09
C SER B 189 -0.87 -6.39 -33.11
N SER B 190 -0.18 -6.71 -32.01
CA SER B 190 0.69 -7.90 -31.88
C SER B 190 -0.14 -9.15 -31.53
N ASN B 191 -1.39 -8.99 -31.06
CA ASN B 191 -2.12 -10.03 -30.31
C ASN B 191 -3.61 -9.75 -30.46
N CYS B 192 -4.18 -10.06 -31.64
CA CYS B 192 -5.58 -9.67 -31.98
C CYS B 192 -6.67 -10.48 -31.25
N ALA B 193 -6.32 -11.45 -30.41
CA ALA B 193 -7.27 -12.32 -29.69
C ALA B 193 -7.85 -11.55 -28.50
N TYR B 194 -7.32 -10.35 -28.21
CA TYR B 194 -7.78 -9.53 -27.07
C TYR B 194 -8.48 -8.30 -27.58
N ARG B 195 -9.18 -7.57 -26.69
CA ARG B 195 -9.88 -6.36 -27.15
C ARG B 195 -9.98 -5.38 -26.01
N ILE B 196 -10.14 -4.13 -26.37
CA ILE B 196 -10.61 -3.14 -25.36
C ILE B 196 -12.10 -3.36 -25.08
N VAL B 197 -12.46 -3.32 -23.80
CA VAL B 197 -13.90 -3.34 -23.38
C VAL B 197 -14.23 -2.03 -22.68
N GLY B 198 -15.33 -1.40 -23.09
CA GLY B 198 -15.70 -0.09 -22.54
C GLY B 198 -14.91 1.02 -23.21
N GLN B 199 -15.00 2.20 -22.65
CA GLN B 199 -14.41 3.41 -23.24
C GLN B 199 -13.22 3.78 -22.36
N GLU B 200 -12.42 4.76 -22.75
CA GLU B 200 -11.36 5.30 -21.88
C GLU B 200 -12.03 5.87 -20.64
N PHE B 201 -11.47 5.64 -19.47
CA PHE B 201 -12.08 6.12 -18.20
C PHE B 201 -11.17 7.15 -17.54
N THR B 202 -10.01 7.44 -18.14
CA THR B 202 -9.24 8.66 -17.88
C THR B 202 -8.72 9.20 -19.19
N LYS B 203 -8.16 10.43 -19.19
CA LYS B 203 -7.88 11.11 -20.48
C LYS B 203 -6.61 11.95 -20.46
N SER B 204 -5.69 11.74 -19.51
CA SER B 204 -4.47 12.56 -19.47
C SER B 204 -3.57 12.23 -20.65
N GLY B 205 -3.05 13.27 -21.25
CA GLY B 205 -2.10 13.12 -22.36
C GLY B 205 -0.66 12.94 -21.88
N TRP B 206 0.24 12.91 -22.83
CA TRP B 206 1.68 12.86 -22.54
C TRP B 206 2.28 14.22 -22.80
N GLY B 207 3.23 14.61 -21.92
CA GLY B 207 3.88 15.90 -22.03
C GLY B 207 5.35 15.80 -21.69
N PHE B 208 6.12 16.82 -22.03
CA PHE B 208 7.51 16.97 -21.57
C PHE B 208 7.49 17.78 -20.27
N ALA B 209 8.31 17.37 -19.31
CA ALA B 209 8.26 17.95 -17.95
C ALA B 209 9.49 18.77 -17.65
N PHE B 210 9.27 19.90 -16.99
CA PHE B 210 10.29 20.90 -16.63
C PHE B 210 10.00 21.42 -15.24
N PRO B 211 10.94 22.17 -14.61
CA PRO B 211 10.66 22.77 -13.32
C PRO B 211 9.46 23.73 -13.37
N ARG B 212 8.75 23.82 -12.23
CA ARG B 212 7.72 24.87 -12.05
C ARG B 212 8.22 26.23 -12.56
N ASP B 213 7.38 26.87 -13.36
CA ASP B 213 7.53 28.23 -13.96
C ASP B 213 8.55 28.22 -15.12
N SER B 214 8.93 27.02 -15.60
CA SER B 214 9.86 26.94 -16.74
C SER B 214 9.25 27.57 -17.98
N PRO B 215 9.94 28.51 -18.66
CA PRO B 215 9.45 29.06 -19.92
C PRO B 215 9.52 28.05 -21.07
N LEU B 216 10.34 27.01 -20.94
CA LEU B 216 10.37 25.92 -21.93
C LEU B 216 9.04 25.20 -22.02
N ALA B 217 8.38 24.95 -20.90
CA ALA B 217 7.08 24.25 -20.93
C ALA B 217 6.11 25.08 -21.78
N ILE B 218 6.21 26.44 -21.73
CA ILE B 218 5.31 27.32 -22.50
C ILE B 218 5.71 27.29 -23.98
N ASP B 219 6.99 27.58 -24.26
CA ASP B 219 7.44 27.73 -25.67
C ASP B 219 7.22 26.42 -26.43
N LEU B 220 7.55 25.27 -25.82
CA LEU B 220 7.40 24.02 -26.55
C LEU B 220 5.92 23.69 -26.83
N SER B 221 4.97 24.23 -26.09
CA SER B 221 3.53 24.04 -26.41
C SER B 221 3.15 24.79 -27.70
N THR B 222 3.78 25.92 -27.94
CA THR B 222 3.60 26.63 -29.25
C THR B 222 4.25 25.80 -30.35
N ALA B 223 5.43 25.23 -30.10
CA ALA B 223 6.06 24.34 -31.09
C ALA B 223 5.15 23.15 -31.41
N ILE B 224 4.49 22.58 -30.40
CA ILE B 224 3.58 21.45 -30.59
C ILE B 224 2.41 21.87 -31.52
N LEU B 225 1.86 23.06 -31.32
CA LEU B 225 0.81 23.58 -32.25
C LEU B 225 1.35 23.55 -33.68
N GLU B 226 2.56 24.01 -33.88
CA GLU B 226 3.14 24.10 -35.26
C GLU B 226 3.32 22.68 -35.82
N LEU B 227 3.84 21.72 -35.05
CA LEU B 227 3.96 20.33 -35.53
C LEU B 227 2.59 19.76 -35.87
N ALA B 228 1.56 20.06 -35.09
CA ALA B 228 0.20 19.57 -35.33
C ALA B 228 -0.28 20.14 -36.69
N GLU B 229 -0.17 21.43 -36.85
CA GLU B 229 -0.68 22.11 -38.08
C GLU B 229 0.09 21.68 -39.33
N ASN B 230 1.39 21.52 -39.24
CA ASN B 230 2.25 21.26 -40.42
C ASN B 230 2.26 19.78 -40.78
N GLY B 231 1.56 18.90 -40.04
CA GLY B 231 1.48 17.45 -40.28
C GLY B 231 2.62 16.62 -39.74
N ASP B 232 3.62 17.26 -39.14
CA ASP B 232 4.82 16.55 -38.63
C ASP B 232 4.41 15.65 -37.45
N LEU B 233 3.46 16.07 -36.62
CA LEU B 233 3.05 15.21 -35.49
C LEU B 233 2.46 13.92 -36.00
N GLN B 234 1.55 14.00 -36.98
CA GLN B 234 0.97 12.78 -37.56
C GLN B 234 2.06 11.97 -38.31
N ARG B 235 2.97 12.63 -38.99
CA ARG B 235 4.07 11.94 -39.72
C ARG B 235 4.92 11.12 -38.74
N ILE B 236 5.29 11.77 -37.65
CA ILE B 236 6.13 11.09 -36.61
C ILE B 236 5.36 9.93 -36.00
N HIS B 237 4.07 10.11 -35.72
CA HIS B 237 3.19 9.01 -35.27
C HIS B 237 3.25 7.84 -36.27
N ASP B 238 3.11 8.11 -37.55
CA ASP B 238 3.06 7.04 -38.58
C ASP B 238 4.44 6.37 -38.73
N LYS B 239 5.54 7.08 -38.51
CA LYS B 239 6.89 6.55 -38.61
C LYS B 239 7.02 5.40 -37.59
N TRP B 240 6.50 5.62 -36.38
CA TRP B 240 6.78 4.69 -35.25
C TRP B 240 5.60 3.77 -34.93
N LEU B 241 4.35 4.19 -35.13
CA LEU B 241 3.16 3.61 -34.42
C LEU B 241 2.09 3.02 -35.37
N MET B 242 2.31 2.91 -36.67
CA MET B 242 1.24 2.42 -37.60
C MET B 242 0.79 0.97 -37.31
N CYS B 246 -5.68 -6.09 -37.35
CA CYS B 246 -6.58 -7.08 -36.67
C CYS B 246 -7.87 -7.28 -37.49
N GLU C 6 4.96 -31.04 14.35
CA GLU C 6 4.31 -30.00 13.46
C GLU C 6 2.98 -30.50 12.85
N LEU C 7 1.85 -29.88 13.24
CA LEU C 7 0.53 -30.27 12.78
C LEU C 7 0.24 -29.79 11.37
N LYS C 8 -0.27 -30.69 10.54
CA LYS C 8 -0.78 -30.40 9.19
C LYS C 8 -2.20 -29.83 9.31
N ILE C 9 -2.34 -28.51 9.16
CA ILE C 9 -3.66 -27.88 9.41
C ILE C 9 -4.22 -27.38 8.10
N GLY C 10 -5.32 -27.97 7.64
CA GLY C 10 -6.01 -27.55 6.44
C GLY C 10 -6.67 -26.21 6.71
N VAL C 11 -6.57 -25.34 5.71
CA VAL C 11 -7.19 -23.97 5.75
C VAL C 11 -7.86 -23.75 4.42
N PRO C 12 -9.12 -23.29 4.42
CA PRO C 12 -9.82 -23.10 3.17
C PRO C 12 -9.21 -21.95 2.37
N LEU C 13 -8.99 -22.20 1.08
CA LEU C 13 -8.49 -21.19 0.13
C LEU C 13 -9.69 -20.40 -0.39
N ARG C 14 -10.03 -19.31 0.31
CA ARG C 14 -11.25 -18.55 -0.04
C ARG C 14 -10.95 -17.63 -1.21
N VAL C 15 -11.93 -17.48 -2.09
CA VAL C 15 -11.87 -16.56 -3.26
C VAL C 15 -12.74 -15.34 -3.02
N SER C 16 -13.53 -15.35 -1.94
CA SER C 16 -14.43 -14.26 -1.54
C SER C 16 -14.44 -14.15 -0.03
N TYR C 17 -14.91 -13.01 0.46
CA TYR C 17 -15.07 -12.73 1.90
C TYR C 17 -13.77 -13.08 2.60
N LYS C 18 -12.67 -12.59 2.04
CA LYS C 18 -11.30 -12.90 2.52
C LYS C 18 -11.00 -12.28 3.88
N GLU C 19 -11.82 -11.37 4.38
CA GLU C 19 -11.66 -10.83 5.75
C GLU C 19 -11.66 -11.97 6.77
N PHE C 20 -12.36 -13.06 6.51
CA PHE C 20 -12.45 -14.19 7.47
C PHE C 20 -11.13 -15.00 7.44
N VAL C 21 -10.71 -15.36 6.25
CA VAL C 21 -9.45 -16.13 6.05
C VAL C 21 -9.02 -15.93 4.61
N SER C 22 -7.74 -15.61 4.47
CA SER C 22 -7.17 -15.29 3.15
C SER C 22 -5.72 -15.83 3.12
N GLN C 23 -5.34 -16.41 2.00
CA GLN C 23 -3.92 -16.73 1.75
C GLN C 23 -3.21 -15.40 1.57
N ILE C 24 -2.08 -15.20 2.21
CA ILE C 24 -1.37 -13.90 2.16
C ILE C 24 -0.57 -13.80 0.85
N ARG C 25 -0.79 -12.73 0.10
CA ARG C 25 -0.09 -12.50 -1.19
C ARG C 25 1.41 -12.53 -0.88
N GLY C 26 2.13 -13.20 -1.75
CA GLY C 26 3.60 -13.33 -1.65
C GLY C 26 4.01 -14.52 -0.82
N THR C 27 3.06 -15.36 -0.38
CA THR C 27 3.36 -16.56 0.41
C THR C 27 2.66 -17.74 -0.23
N GLU C 28 3.22 -18.91 -0.03
CA GLU C 28 2.59 -20.18 -0.46
C GLU C 28 1.58 -20.69 0.56
N ASN C 29 1.79 -20.44 1.85
CA ASN C 29 0.91 -21.12 2.85
C ASN C 29 0.76 -20.32 4.13
N MET C 30 0.92 -19.00 4.07
CA MET C 30 0.63 -18.14 5.23
C MET C 30 -0.79 -17.60 5.00
N PHE C 31 -1.53 -17.49 6.09
CA PHE C 31 -2.93 -17.01 6.05
C PHE C 31 -3.14 -15.90 7.08
N LYS C 32 -4.10 -15.02 6.80
CA LYS C 32 -4.50 -13.94 7.69
C LYS C 32 -6.01 -13.87 7.75
N GLY C 33 -6.53 -13.08 8.65
CA GLY C 33 -7.95 -12.78 8.71
C GLY C 33 -8.50 -13.02 10.10
N PHE C 34 -9.76 -12.71 10.28
CA PHE C 34 -10.45 -12.86 11.58
C PHE C 34 -10.28 -14.28 12.18
N CYS C 35 -10.53 -15.31 11.37
CA CYS C 35 -10.52 -16.72 11.87
C CYS C 35 -9.10 -17.10 12.28
N ILE C 36 -8.12 -16.69 11.49
CA ILE C 36 -6.69 -16.95 11.79
C ILE C 36 -6.29 -16.23 13.06
N ASP C 37 -6.67 -14.96 13.23
CA ASP C 37 -6.32 -14.22 14.44
C ASP C 37 -6.92 -14.88 15.68
N VAL C 38 -8.15 -15.41 15.59
CA VAL C 38 -8.72 -16.17 16.74
C VAL C 38 -7.87 -17.40 17.03
N PHE C 39 -7.53 -18.18 16.01
CA PHE C 39 -6.66 -19.36 16.20
C PHE C 39 -5.35 -18.98 16.88
N THR C 40 -4.68 -17.94 16.34
CA THR C 40 -3.42 -17.43 16.93
C THR C 40 -3.60 -17.03 18.39
N ALA C 41 -4.63 -16.26 18.71
CA ALA C 41 -4.91 -15.76 20.07
C ALA C 41 -5.19 -16.95 21.00
N ALA C 42 -5.90 -17.95 20.50
CA ALA C 42 -6.26 -19.13 21.32
C ALA C 42 -5.02 -19.97 21.59
N VAL C 43 -4.20 -20.19 20.56
CA VAL C 43 -2.92 -20.94 20.74
C VAL C 43 -2.03 -20.18 21.73
N ASN C 44 -2.04 -18.85 21.69
CA ASN C 44 -1.10 -18.05 22.56
C ASN C 44 -1.51 -18.20 24.03
N LEU C 45 -2.75 -18.59 24.33
CA LEU C 45 -3.20 -18.84 25.73
C LEU C 45 -2.79 -20.20 26.23
N LEU C 46 -2.38 -21.14 25.38
CA LEU C 46 -2.03 -22.50 25.83
C LEU C 46 -0.66 -22.43 26.49
N PRO C 47 -0.37 -23.30 27.47
CA PRO C 47 0.95 -23.30 28.12
C PRO C 47 2.01 -24.17 27.44
N TYR C 48 1.79 -24.55 26.19
CA TYR C 48 2.69 -25.38 25.39
C TYR C 48 2.65 -24.85 23.97
N ALA C 49 3.72 -25.12 23.22
CA ALA C 49 3.84 -24.73 21.81
C ALA C 49 2.97 -25.64 20.95
N VAL C 50 2.40 -25.07 19.89
CA VAL C 50 1.61 -25.80 18.86
C VAL C 50 2.16 -25.41 17.49
N PRO C 51 3.23 -26.07 17.05
CA PRO C 51 3.82 -25.78 15.75
C PRO C 51 2.86 -26.26 14.67
N VAL C 52 2.55 -25.39 13.69
CA VAL C 52 1.61 -25.77 12.61
C VAL C 52 2.19 -25.43 11.26
N LYS C 53 1.81 -26.21 10.29
CA LYS C 53 1.99 -25.92 8.85
C LYS C 53 0.61 -25.83 8.25
N PHE C 54 0.23 -24.66 7.72
CA PHE C 54 -1.08 -24.56 7.06
C PHE C 54 -1.00 -25.19 5.68
N ILE C 55 -2.07 -25.85 5.30
CA ILE C 55 -2.19 -26.49 3.98
C ILE C 55 -3.42 -25.92 3.31
N PRO C 56 -3.25 -25.13 2.24
CA PRO C 56 -4.38 -24.56 1.53
C PRO C 56 -5.26 -25.67 0.94
N TYR C 57 -6.56 -25.56 1.14
CA TYR C 57 -7.53 -26.52 0.59
C TYR C 57 -8.51 -25.77 -0.33
N GLY C 58 -8.47 -26.10 -1.61
CA GLY C 58 -9.27 -25.46 -2.66
C GLY C 58 -8.52 -25.33 -3.95
N ASN C 59 -9.26 -25.12 -5.03
CA ASN C 59 -8.67 -25.07 -6.39
C ASN C 59 -8.32 -23.64 -6.77
N GLY C 60 -8.64 -22.65 -5.95
CA GLY C 60 -8.35 -21.24 -6.24
C GLY C 60 -9.27 -20.58 -7.24
N LYS C 61 -10.28 -21.28 -7.76
CA LYS C 61 -11.30 -20.71 -8.65
C LYS C 61 -12.61 -20.51 -7.89
N GLU C 62 -12.98 -21.48 -7.07
CA GLU C 62 -14.23 -21.44 -6.30
C GLU C 62 -13.86 -21.74 -4.85
N ASN C 63 -14.65 -21.25 -3.91
CA ASN C 63 -14.53 -21.71 -2.53
C ASN C 63 -14.71 -23.23 -2.47
N PRO C 64 -13.95 -23.92 -1.62
CA PRO C 64 -14.02 -25.35 -1.51
C PRO C 64 -15.30 -25.84 -0.81
N SER C 65 -15.57 -27.13 -0.97
CA SER C 65 -16.54 -27.85 -0.13
C SER C 65 -16.00 -27.92 1.30
N TYR C 66 -16.59 -27.25 2.28
CA TYR C 66 -16.10 -27.29 3.66
C TYR C 66 -16.29 -28.69 4.27
N THR C 67 -17.33 -29.43 3.84
CA THR C 67 -17.50 -30.81 4.33
C THR C 67 -16.35 -31.68 3.80
N HIS C 68 -16.01 -31.60 2.51
CA HIS C 68 -14.88 -32.41 1.98
C HIS C 68 -13.56 -31.99 2.67
N MET C 69 -13.41 -30.71 2.98
CA MET C 69 -12.23 -30.24 3.70
C MET C 69 -12.12 -31.00 5.04
N VAL C 70 -13.18 -31.01 5.85
CA VAL C 70 -13.17 -31.64 7.18
C VAL C 70 -12.95 -33.16 7.04
N GLU C 71 -13.48 -33.76 5.96
CA GLU C 71 -13.31 -35.23 5.72
C GLU C 71 -11.83 -35.60 5.54
N MET C 72 -10.99 -34.64 5.18
CA MET C 72 -9.53 -34.88 5.04
C MET C 72 -8.90 -35.14 6.39
N ILE C 73 -9.54 -34.75 7.51
CA ILE C 73 -9.03 -35.13 8.85
C ILE C 73 -9.18 -36.67 8.98
N THR C 74 -10.28 -37.23 8.49
CA THR C 74 -10.64 -38.66 8.72
C THR C 74 -9.72 -39.56 7.90
N THR C 75 -9.19 -39.08 6.78
CA THR C 75 -8.21 -39.85 5.97
C THR C 75 -6.77 -39.61 6.45
N GLY C 76 -6.52 -38.87 7.53
CA GLY C 76 -5.17 -38.55 8.02
C GLY C 76 -4.39 -37.53 7.17
N ASN C 77 -4.96 -36.94 6.12
CA ASN C 77 -4.26 -35.90 5.32
C ASN C 77 -4.03 -34.64 6.18
N PHE C 78 -5.01 -34.29 7.03
CA PHE C 78 -4.90 -33.15 7.97
C PHE C 78 -5.01 -33.63 9.42
N ASP C 79 -4.26 -33.01 10.30
CA ASP C 79 -4.31 -33.14 11.77
C ASP C 79 -5.43 -32.26 12.32
N GLY C 80 -5.90 -31.30 11.50
CA GLY C 80 -6.96 -30.39 11.95
C GLY C 80 -7.28 -29.41 10.83
N VAL C 81 -8.35 -28.66 11.02
CA VAL C 81 -8.81 -27.69 10.00
C VAL C 81 -9.12 -26.41 10.79
N VAL C 82 -8.56 -25.31 10.33
CA VAL C 82 -8.73 -23.98 10.92
C VAL C 82 -9.34 -23.05 9.87
N GLY C 83 -10.46 -22.43 10.20
CA GLY C 83 -11.17 -21.55 9.25
C GLY C 83 -12.55 -21.26 9.75
N ASP C 84 -13.37 -20.77 8.84
CA ASP C 84 -14.76 -20.32 9.06
C ASP C 84 -15.68 -21.54 8.84
N VAL C 85 -15.49 -22.56 9.69
CA VAL C 85 -16.14 -23.88 9.48
C VAL C 85 -17.36 -24.01 10.37
N ALA C 86 -18.53 -24.09 9.76
CA ALA C 86 -19.76 -24.29 10.54
C ALA C 86 -19.78 -25.66 11.21
N ILE C 87 -20.25 -25.63 12.43
CA ILE C 87 -20.39 -26.85 13.28
C ILE C 87 -21.77 -27.47 12.99
N VAL C 88 -21.83 -28.50 12.17
CA VAL C 88 -23.12 -29.06 11.65
C VAL C 88 -23.06 -30.58 11.76
N THR C 89 -24.24 -31.20 11.91
CA THR C 89 -24.36 -32.65 12.23
C THR C 89 -23.49 -33.54 11.32
N ASN C 90 -23.48 -33.31 10.03
CA ASN C 90 -22.76 -34.31 9.18
C ASN C 90 -21.24 -34.22 9.47
N ARG C 91 -20.76 -33.12 10.03
CA ARG C 91 -19.34 -32.94 10.40
C ARG C 91 -19.09 -33.37 11.84
N THR C 92 -19.97 -33.07 12.79
CA THR C 92 -19.73 -33.52 14.19
C THR C 92 -19.78 -35.07 14.27
N LYS C 93 -20.42 -35.71 13.31
CA LYS C 93 -20.44 -37.20 13.28
C LYS C 93 -19.07 -37.78 13.02
N ILE C 94 -18.14 -37.04 12.44
CA ILE C 94 -16.83 -37.61 12.03
C ILE C 94 -15.66 -36.94 12.75
N VAL C 95 -15.80 -35.69 13.20
CA VAL C 95 -14.68 -34.97 13.86
C VAL C 95 -15.19 -34.22 15.10
N ASP C 96 -14.25 -33.81 15.97
CA ASP C 96 -14.53 -32.92 17.11
C ASP C 96 -14.29 -31.48 16.64
N PHE C 97 -15.11 -30.59 17.16
CA PHE C 97 -14.94 -29.15 17.03
C PHE C 97 -14.64 -28.56 18.38
N THR C 98 -13.88 -27.45 18.34
CA THR C 98 -13.83 -26.52 19.46
C THR C 98 -15.21 -25.92 19.75
N GLN C 99 -15.35 -25.39 20.94
CA GLN C 99 -16.30 -24.30 21.29
C GLN C 99 -16.37 -23.37 20.08
N PRO C 100 -17.56 -22.99 19.60
CA PRO C 100 -17.61 -22.02 18.53
C PRO C 100 -17.11 -20.65 18.97
N TYR C 101 -16.38 -20.00 18.08
CA TYR C 101 -15.75 -18.68 18.37
C TYR C 101 -16.48 -17.55 17.64
N ALA C 102 -17.46 -17.88 16.82
CA ALA C 102 -18.29 -16.89 16.10
C ALA C 102 -19.67 -17.46 15.89
N ALA C 103 -20.69 -16.66 16.13
CA ALA C 103 -22.07 -17.06 15.81
C ALA C 103 -22.25 -16.96 14.30
N SER C 104 -22.99 -17.88 13.67
CA SER C 104 -23.12 -17.86 12.18
CA SER C 104 -23.14 -17.82 12.19
C SER C 104 -24.44 -18.43 11.61
N GLY C 105 -25.58 -18.01 12.03
CA GLY C 105 -26.81 -18.66 11.62
C GLY C 105 -27.19 -18.29 10.19
N LEU C 106 -28.04 -19.11 9.62
CA LEU C 106 -28.58 -18.85 8.25
C LEU C 106 -29.58 -17.68 8.28
N VAL C 107 -29.51 -16.86 7.23
CA VAL C 107 -30.47 -15.77 7.00
C VAL C 107 -30.91 -15.84 5.55
N VAL C 108 -31.99 -15.11 5.31
CA VAL C 108 -32.53 -14.89 3.93
C VAL C 108 -32.20 -13.46 3.52
N VAL C 109 -31.56 -13.31 2.35
CA VAL C 109 -31.27 -11.96 1.79
CA VAL C 109 -31.27 -11.96 1.78
C VAL C 109 -32.08 -11.80 0.51
N ALA C 110 -32.71 -10.63 0.38
CA ALA C 110 -33.60 -10.34 -0.77
C ALA C 110 -33.61 -8.85 -0.99
N PRO C 111 -34.12 -8.39 -2.14
CA PRO C 111 -34.46 -6.98 -2.25
C PRO C 111 -35.58 -6.69 -1.24
N GLY C 112 -35.69 -5.44 -0.84
CA GLY C 112 -36.74 -4.97 0.07
C GLY C 112 -38.11 -4.95 -0.60
N GLY C 113 -39.15 -5.46 0.05
CA GLY C 113 -40.52 -5.22 -0.38
C GLY C 113 -40.99 -6.16 -1.46
N THR C 114 -40.38 -7.35 -1.59
CA THR C 114 -40.86 -8.43 -2.48
C THR C 114 -41.70 -9.42 -1.66
N PRO C 115 -42.25 -10.46 -2.31
CA PRO C 115 -43.03 -11.48 -1.60
C PRO C 115 -42.16 -12.34 -0.68
N ILE C 116 -40.84 -12.22 -0.82
CA ILE C 116 -39.92 -12.95 0.12
C ILE C 116 -39.76 -12.12 1.38
N LYS C 117 -40.31 -12.62 2.49
CA LYS C 117 -40.32 -11.94 3.79
C LYS C 117 -39.47 -12.70 4.82
N GLY C 118 -38.90 -13.82 4.43
CA GLY C 118 -38.17 -14.71 5.34
C GLY C 118 -38.24 -16.14 4.86
N ILE C 119 -37.77 -17.08 5.67
CA ILE C 119 -37.58 -18.47 5.22
C ILE C 119 -38.94 -19.13 5.00
N GLU C 120 -39.96 -18.77 5.77
CA GLU C 120 -41.27 -19.47 5.61
C GLU C 120 -41.90 -19.09 4.26
N SER C 121 -41.95 -17.82 3.90
CA SER C 121 -42.51 -17.37 2.60
C SER C 121 -41.66 -17.97 1.47
N LEU C 122 -40.35 -18.03 1.66
CA LEU C 122 -39.47 -18.60 0.61
C LEU C 122 -39.75 -20.10 0.42
N ARG C 123 -39.91 -20.87 1.50
CA ARG C 123 -40.27 -22.33 1.45
C ARG C 123 -41.60 -22.56 0.73
N GLU C 124 -42.62 -21.78 1.05
CA GLU C 124 -44.01 -21.95 0.54
C GLU C 124 -44.02 -21.69 -0.98
N ARG C 125 -43.15 -20.84 -1.48
CA ARG C 125 -43.17 -20.43 -2.91
C ARG C 125 -42.32 -21.42 -3.71
N ASP C 126 -42.23 -21.21 -5.02
CA ASP C 126 -41.49 -22.13 -5.92
C ASP C 126 -40.29 -21.42 -6.52
N ASP C 127 -39.86 -20.26 -6.01
CA ASP C 127 -38.81 -19.45 -6.68
C ASP C 127 -37.44 -20.11 -6.55
N PRO C 128 -36.49 -19.77 -7.44
CA PRO C 128 -35.11 -20.20 -7.28
C PRO C 128 -34.50 -19.47 -6.05
N ILE C 129 -33.65 -20.21 -5.34
CA ILE C 129 -32.95 -19.73 -4.10
C ILE C 129 -31.46 -19.89 -4.33
N GLY C 130 -30.70 -18.83 -4.10
CA GLY C 130 -29.24 -18.88 -4.19
C GLY C 130 -28.63 -19.39 -2.92
N TYR C 131 -27.47 -20.03 -3.02
CA TYR C 131 -26.66 -20.44 -1.83
C TYR C 131 -25.19 -20.35 -2.24
N GLN C 132 -24.34 -20.31 -1.24
CA GLN C 132 -22.88 -20.12 -1.44
C GLN C 132 -22.28 -21.44 -1.88
N VAL C 133 -21.58 -21.41 -3.01
CA VAL C 133 -20.77 -22.57 -3.48
C VAL C 133 -19.95 -23.12 -2.30
N GLY C 134 -20.08 -24.42 -2.05
CA GLY C 134 -19.24 -25.11 -1.04
C GLY C 134 -19.78 -25.14 0.37
N SER C 135 -20.93 -24.50 0.60
CA SER C 135 -21.49 -24.36 1.95
C SER C 135 -22.34 -25.57 2.31
N PHE C 136 -22.44 -25.83 3.60
CA PHE C 136 -23.46 -26.76 4.16
C PHE C 136 -24.86 -26.29 3.85
N ALA C 137 -25.07 -24.99 3.57
CA ALA C 137 -26.44 -24.46 3.41
C ALA C 137 -27.22 -25.29 2.39
N GLU C 138 -26.58 -25.72 1.30
CA GLU C 138 -27.28 -26.48 0.24
C GLU C 138 -27.96 -27.68 0.90
N SER C 139 -27.21 -28.41 1.72
CA SER C 139 -27.74 -29.59 2.42
C SER C 139 -28.84 -29.21 3.43
N TYR C 140 -28.72 -28.08 4.16
CA TYR C 140 -29.74 -27.65 5.15
C TYR C 140 -31.06 -27.44 4.38
N LEU C 141 -30.96 -26.77 3.23
CA LEU C 141 -32.14 -26.43 2.42
C LEU C 141 -32.82 -27.72 1.90
N ARG C 142 -32.05 -28.62 1.31
CA ARG C 142 -32.55 -29.92 0.78
C ARG C 142 -33.12 -30.81 1.89
N ASN C 143 -32.40 -30.91 3.01
CA ASN C 143 -32.70 -31.96 4.01
C ASN C 143 -33.61 -31.35 5.07
N GLU C 144 -33.12 -30.50 5.97
CA GLU C 144 -33.95 -29.97 7.08
C GLU C 144 -35.20 -29.27 6.56
N LEU C 145 -35.10 -28.53 5.45
CA LEU C 145 -36.23 -27.67 5.04
C LEU C 145 -36.98 -28.35 3.89
N ASN C 146 -36.45 -29.46 3.38
CA ASN C 146 -37.10 -30.30 2.34
C ASN C 146 -37.41 -29.43 1.12
N ILE C 147 -36.45 -28.62 0.68
CA ILE C 147 -36.62 -27.77 -0.52
C ILE C 147 -36.10 -28.56 -1.70
N SER C 148 -36.80 -28.55 -2.83
CA SER C 148 -36.38 -29.35 -4.01
C SER C 148 -35.04 -28.81 -4.49
N GLU C 149 -34.11 -29.70 -4.84
CA GLU C 149 -32.75 -29.33 -5.34
C GLU C 149 -32.89 -28.50 -6.62
N SER C 150 -33.97 -28.66 -7.40
CA SER C 150 -34.15 -27.96 -8.69
C SER C 150 -34.20 -26.44 -8.48
N ARG C 151 -34.59 -26.03 -7.28
CA ARG C 151 -34.79 -24.61 -6.89
C ARG C 151 -33.46 -23.99 -6.49
N LEU C 152 -32.45 -24.80 -6.20
CA LEU C 152 -31.20 -24.33 -5.52
C LEU C 152 -30.18 -23.94 -6.55
N VAL C 153 -29.73 -22.69 -6.50
CA VAL C 153 -28.78 -22.07 -7.46
C VAL C 153 -27.47 -21.74 -6.78
N PRO C 154 -26.33 -22.42 -7.10
CA PRO C 154 -25.03 -22.10 -6.50
C PRO C 154 -24.50 -20.78 -7.04
N LEU C 155 -24.04 -19.92 -6.13
CA LEU C 155 -23.39 -18.64 -6.42
C LEU C 155 -22.08 -18.54 -5.69
N GLY C 156 -21.04 -18.08 -6.39
CA GLY C 156 -19.70 -18.22 -5.85
C GLY C 156 -19.09 -16.98 -5.28
N THR C 157 -19.61 -15.79 -5.59
CA THR C 157 -18.99 -14.52 -5.27
C THR C 157 -20.06 -13.47 -5.00
N PRO C 158 -19.70 -12.40 -4.29
CA PRO C 158 -20.66 -11.33 -4.04
C PRO C 158 -21.15 -10.66 -5.34
N GLU C 159 -20.33 -10.59 -6.39
CA GLU C 159 -20.82 -10.08 -7.71
C GLU C 159 -21.89 -11.01 -8.24
N ALA C 160 -21.75 -12.32 -8.03
CA ALA C 160 -22.73 -13.28 -8.56
C ALA C 160 -24.00 -13.16 -7.70
N TYR C 161 -23.84 -12.93 -6.41
CA TYR C 161 -25.00 -12.71 -5.50
C TYR C 161 -25.82 -11.52 -6.04
N ALA C 162 -25.13 -10.41 -6.26
CA ALA C 162 -25.78 -9.14 -6.67
C ALA C 162 -26.48 -9.36 -8.00
N LYS C 163 -25.77 -9.95 -8.94
CA LYS C 163 -26.36 -10.10 -10.29
C LYS C 163 -27.57 -11.03 -10.24
N ALA C 164 -27.50 -12.11 -9.45
CA ALA C 164 -28.64 -13.02 -9.34
C ALA C 164 -29.85 -12.33 -8.71
N LEU C 165 -29.65 -11.51 -7.67
CA LEU C 165 -30.75 -10.78 -7.02
C LEU C 165 -31.30 -9.73 -8.00
N LYS C 166 -30.45 -9.07 -8.72
CA LYS C 166 -30.90 -7.95 -9.60
C LYS C 166 -31.68 -8.48 -10.79
N ASP C 167 -31.22 -9.58 -11.37
CA ASP C 167 -31.93 -10.24 -12.50
C ASP C 167 -33.24 -10.87 -12.01
N GLY C 168 -33.26 -11.55 -10.85
CA GLY C 168 -34.47 -12.15 -10.28
C GLY C 168 -34.85 -13.47 -10.94
N PRO C 169 -35.90 -14.13 -10.46
CA PRO C 169 -36.25 -15.47 -10.90
C PRO C 169 -36.55 -15.59 -12.40
N SER C 170 -37.11 -14.54 -13.00
CA SER C 170 -37.57 -14.57 -14.40
C SER C 170 -36.39 -14.45 -15.37
N LYS C 171 -35.23 -14.00 -14.90
CA LYS C 171 -34.06 -13.77 -15.79
C LYS C 171 -32.88 -14.63 -15.37
N GLY C 172 -33.15 -15.87 -14.97
CA GLY C 172 -32.08 -16.84 -14.59
C GLY C 172 -31.37 -16.48 -13.29
N GLY C 173 -31.97 -15.58 -12.49
CA GLY C 173 -31.44 -15.22 -11.16
C GLY C 173 -32.21 -15.92 -10.07
N VAL C 174 -32.32 -15.27 -8.89
CA VAL C 174 -32.96 -15.88 -7.71
C VAL C 174 -33.92 -14.88 -7.06
N ALA C 175 -34.86 -15.38 -6.29
CA ALA C 175 -35.79 -14.52 -5.52
C ALA C 175 -35.10 -14.09 -4.23
N ALA C 176 -34.10 -14.87 -3.79
CA ALA C 176 -33.44 -14.66 -2.47
C ALA C 176 -32.21 -15.55 -2.39
N ILE C 177 -31.32 -15.21 -1.47
CA ILE C 177 -30.12 -16.02 -1.20
C ILE C 177 -30.19 -16.44 0.26
N VAL C 178 -29.89 -17.72 0.50
CA VAL C 178 -29.77 -18.23 1.89
C VAL C 178 -28.29 -18.44 2.17
N ASP C 179 -27.78 -17.82 3.20
CA ASP C 179 -26.37 -17.99 3.55
C ASP C 179 -26.14 -17.62 5.01
N GLU C 180 -24.98 -17.99 5.52
CA GLU C 180 -24.57 -17.64 6.90
C GLU C 180 -24.43 -16.13 7.06
N ARG C 181 -24.95 -15.62 8.18
CA ARG C 181 -25.00 -14.16 8.46
C ARG C 181 -23.66 -13.45 8.28
N PRO C 182 -22.48 -14.00 8.68
CA PRO C 182 -21.24 -13.22 8.56
C PRO C 182 -20.95 -12.83 7.11
N TYR C 183 -21.14 -13.74 6.15
CA TYR C 183 -20.92 -13.44 4.72
C TYR C 183 -21.95 -12.41 4.29
N VAL C 184 -23.18 -12.59 4.71
CA VAL C 184 -24.27 -11.71 4.26
C VAL C 184 -23.98 -10.29 4.74
N GLU C 185 -23.51 -10.11 5.97
CA GLU C 185 -23.17 -8.75 6.50
CA GLU C 185 -23.14 -8.76 6.51
C GLU C 185 -22.11 -8.11 5.61
N LEU C 186 -21.07 -8.86 5.19
CA LEU C 186 -20.04 -8.28 4.32
C LEU C 186 -20.66 -7.95 2.94
N PHE C 187 -21.46 -8.83 2.39
CA PHE C 187 -22.12 -8.61 1.08
C PHE C 187 -22.94 -7.31 1.18
N LEU C 188 -23.73 -7.18 2.22
CA LEU C 188 -24.66 -6.03 2.30
C LEU C 188 -23.90 -4.71 2.49
N SER C 189 -22.75 -4.73 3.15
CA SER C 189 -21.89 -3.52 3.32
CA SER C 189 -21.90 -3.52 3.33
C SER C 189 -21.51 -2.91 1.97
N SER C 190 -21.40 -3.72 0.91
CA SER C 190 -20.99 -3.35 -0.47
C SER C 190 -22.18 -3.31 -1.42
N ASN C 191 -23.37 -3.67 -0.97
CA ASN C 191 -24.56 -3.92 -1.83
C ASN C 191 -25.78 -3.51 -1.02
N CYS C 192 -25.92 -2.20 -0.77
CA CYS C 192 -26.86 -1.65 0.24
C CYS C 192 -28.31 -1.71 -0.23
N ALA C 193 -28.57 -2.06 -1.50
CA ALA C 193 -29.95 -2.29 -1.99
C ALA C 193 -30.64 -3.45 -1.28
N TYR C 194 -29.88 -4.46 -0.84
CA TYR C 194 -30.50 -5.71 -0.34
C TYR C 194 -30.57 -5.72 1.18
N ARG C 195 -31.38 -6.62 1.71
CA ARG C 195 -31.71 -6.69 3.14
C ARG C 195 -31.81 -8.14 3.60
N ILE C 196 -31.42 -8.37 4.84
CA ILE C 196 -31.86 -9.58 5.56
C ILE C 196 -33.37 -9.44 5.83
N VAL C 197 -34.15 -10.40 5.38
CA VAL C 197 -35.62 -10.42 5.61
C VAL C 197 -35.95 -11.57 6.56
N GLY C 198 -36.79 -11.30 7.53
CA GLY C 198 -37.13 -12.30 8.57
C GLY C 198 -36.02 -12.49 9.58
N GLN C 199 -36.02 -13.66 10.22
CA GLN C 199 -35.15 -13.98 11.38
C GLN C 199 -33.99 -14.85 10.92
N GLU C 200 -32.92 -14.83 11.69
CA GLU C 200 -31.87 -15.86 11.62
C GLU C 200 -32.56 -17.17 12.00
N PHE C 201 -32.52 -18.19 11.18
CA PHE C 201 -33.37 -19.38 11.42
C PHE C 201 -32.56 -20.63 11.79
N THR C 202 -31.24 -20.53 11.91
CA THR C 202 -30.39 -21.56 12.54
C THR C 202 -29.51 -20.86 13.58
N LYS C 203 -28.88 -21.63 14.45
CA LYS C 203 -27.98 -21.09 15.50
C LYS C 203 -26.63 -21.78 15.38
N SER C 204 -26.16 -21.82 14.15
CA SER C 204 -24.88 -22.33 13.66
C SER C 204 -23.77 -21.43 14.25
N GLY C 205 -22.62 -22.01 14.48
CA GLY C 205 -21.40 -21.24 14.77
C GLY C 205 -20.23 -21.88 14.09
N TRP C 206 -19.11 -21.14 14.10
CA TRP C 206 -17.85 -21.61 13.51
C TRP C 206 -16.96 -22.15 14.61
N GLY C 207 -16.26 -23.26 14.31
CA GLY C 207 -15.25 -23.81 15.22
C GLY C 207 -14.07 -24.34 14.44
N PHE C 208 -13.05 -24.75 15.15
CA PHE C 208 -11.90 -25.41 14.54
C PHE C 208 -12.08 -26.92 14.73
N ALA C 209 -11.69 -27.70 13.72
CA ALA C 209 -11.98 -29.15 13.65
C ALA C 209 -10.71 -29.96 13.89
N PHE C 210 -10.85 -31.01 14.67
CA PHE C 210 -9.74 -31.93 15.04
C PHE C 210 -10.27 -33.34 15.10
N PRO C 211 -9.40 -34.35 15.11
CA PRO C 211 -9.89 -35.70 15.30
C PRO C 211 -10.62 -35.91 16.61
N ARG C 212 -11.52 -36.90 16.61
CA ARG C 212 -12.28 -37.28 17.83
C ARG C 212 -11.31 -37.46 19.01
N ASP C 213 -11.65 -36.87 20.15
CA ASP C 213 -10.93 -36.95 21.45
C ASP C 213 -9.61 -36.19 21.41
N SER C 214 -9.42 -35.30 20.42
CA SER C 214 -8.27 -34.41 20.36
C SER C 214 -8.12 -33.67 21.68
N PRO C 215 -7.00 -33.80 22.42
CA PRO C 215 -6.80 -32.99 23.62
C PRO C 215 -6.56 -31.51 23.27
N LEU C 216 -6.04 -31.26 22.06
CA LEU C 216 -5.75 -29.89 21.61
C LEU C 216 -7.09 -29.17 21.42
N ALA C 217 -8.09 -29.83 20.84
CA ALA C 217 -9.43 -29.22 20.70
C ALA C 217 -9.98 -28.80 22.05
N ILE C 218 -9.89 -29.67 23.07
CA ILE C 218 -10.39 -29.33 24.43
C ILE C 218 -9.69 -28.08 24.95
N ASP C 219 -8.38 -28.00 24.84
CA ASP C 219 -7.63 -26.86 25.38
C ASP C 219 -7.98 -25.59 24.57
N LEU C 220 -8.10 -25.68 23.25
CA LEU C 220 -8.49 -24.51 22.45
C LEU C 220 -9.87 -24.06 22.86
N SER C 221 -10.77 -24.97 23.22
CA SER C 221 -12.11 -24.58 23.67
C SER C 221 -12.00 -23.73 24.94
N THR C 222 -11.17 -24.15 25.91
CA THR C 222 -10.97 -23.36 27.13
C THR C 222 -10.47 -21.95 26.77
N ALA C 223 -9.51 -21.89 25.88
CA ALA C 223 -8.92 -20.58 25.48
C ALA C 223 -10.02 -19.73 24.80
N ILE C 224 -10.83 -20.34 23.93
CA ILE C 224 -11.85 -19.58 23.16
C ILE C 224 -12.86 -18.99 24.16
N LEU C 225 -13.29 -19.78 25.18
CA LEU C 225 -14.25 -19.24 26.17
C LEU C 225 -13.63 -18.06 26.91
N GLU C 226 -12.34 -18.15 27.24
CA GLU C 226 -11.61 -17.03 27.91
CA GLU C 226 -11.59 -17.04 27.91
C GLU C 226 -11.60 -15.80 27.01
N LEU C 227 -11.27 -15.97 25.74
CA LEU C 227 -11.26 -14.87 24.75
C LEU C 227 -12.66 -14.27 24.67
N ALA C 228 -13.72 -15.10 24.72
CA ALA C 228 -15.10 -14.62 24.65
C ALA C 228 -15.38 -13.72 25.86
N GLU C 229 -15.10 -14.22 27.06
CA GLU C 229 -15.47 -13.56 28.33
C GLU C 229 -14.64 -12.29 28.51
N ASN C 230 -13.40 -12.26 28.03
CA ASN C 230 -12.46 -11.13 28.33
C ASN C 230 -12.62 -10.05 27.27
N GLY C 231 -13.48 -10.24 26.27
CA GLY C 231 -13.76 -9.23 25.21
C GLY C 231 -12.81 -9.32 24.00
N ASP C 232 -11.88 -10.26 24.01
CA ASP C 232 -10.87 -10.37 22.94
C ASP C 232 -11.53 -10.81 21.62
N LEU C 233 -12.49 -11.74 21.62
CA LEU C 233 -13.14 -12.08 20.31
C LEU C 233 -13.79 -10.88 19.70
N GLN C 234 -14.46 -10.05 20.50
CA GLN C 234 -15.12 -8.84 19.99
C GLN C 234 -14.05 -7.89 19.40
N ARG C 235 -12.93 -7.71 20.10
CA ARG C 235 -11.81 -6.86 19.65
C ARG C 235 -11.24 -7.39 18.33
N ILE C 236 -11.08 -8.71 18.20
CA ILE C 236 -10.55 -9.29 16.94
C ILE C 236 -11.58 -9.11 15.84
N HIS C 237 -12.86 -9.31 16.15
CA HIS C 237 -13.96 -9.03 15.18
C HIS C 237 -13.86 -7.57 14.67
N ASP C 238 -13.68 -6.62 15.60
CA ASP C 238 -13.71 -5.17 15.28
C ASP C 238 -12.44 -4.79 14.47
N LYS C 239 -11.36 -5.57 14.57
CA LYS C 239 -10.16 -5.30 13.76
C LYS C 239 -10.41 -5.58 12.28
N TRP C 240 -11.25 -6.59 11.96
CA TRP C 240 -11.39 -7.15 10.59
C TRP C 240 -12.70 -6.75 9.93
N LEU C 241 -13.78 -6.61 10.70
CA LEU C 241 -15.17 -6.72 10.14
C LEU C 241 -16.09 -5.54 10.45
N MET C 242 -15.62 -4.47 11.06
CA MET C 242 -16.54 -3.31 11.29
C MET C 242 -17.22 -2.85 9.99
N CYS C 246 -24.21 1.71 5.12
CA CYS C 246 -25.27 1.74 4.07
C CYS C 246 -26.22 2.93 4.35
N LYS D 5 51.18 9.76 -2.13
CA LYS D 5 50.83 8.32 -1.91
C LYS D 5 49.44 8.03 -2.50
N GLU D 6 49.34 6.99 -3.32
CA GLU D 6 48.04 6.41 -3.80
C GLU D 6 47.44 5.44 -2.76
N LEU D 7 46.30 5.81 -2.17
CA LEU D 7 45.74 5.03 -1.06
C LEU D 7 45.12 3.75 -1.61
N LYS D 8 45.39 2.65 -0.96
CA LYS D 8 44.78 1.35 -1.27
C LYS D 8 43.45 1.28 -0.51
N ILE D 9 42.36 1.48 -1.23
CA ILE D 9 41.01 1.51 -0.57
C ILE D 9 40.26 0.23 -0.92
N GLY D 10 39.94 -0.58 0.09
CA GLY D 10 39.13 -1.78 -0.12
C GLY D 10 37.69 -1.38 -0.38
N VAL D 11 37.07 -2.07 -1.32
CA VAL D 11 35.64 -1.80 -1.67
C VAL D 11 34.99 -3.15 -1.72
N PRO D 12 33.82 -3.35 -1.06
CA PRO D 12 33.19 -4.66 -1.11
C PRO D 12 32.71 -4.98 -2.53
N LEU D 13 32.98 -6.22 -2.96
CA LEU D 13 32.56 -6.69 -4.31
C LEU D 13 31.12 -7.23 -4.20
N ARG D 14 30.15 -6.33 -4.18
CA ARG D 14 28.76 -6.74 -3.91
C ARG D 14 28.26 -7.56 -5.12
N VAL D 15 27.44 -8.56 -4.84
CA VAL D 15 26.78 -9.41 -5.89
C VAL D 15 25.29 -9.09 -5.93
N SER D 16 24.82 -8.24 -5.02
CA SER D 16 23.37 -7.90 -4.88
C SER D 16 23.27 -6.48 -4.35
N TYR D 17 22.12 -5.84 -4.54
CA TYR D 17 21.93 -4.43 -4.12
C TYR D 17 23.13 -3.60 -4.60
N LYS D 18 23.45 -3.74 -5.89
CA LYS D 18 24.60 -3.07 -6.51
C LYS D 18 24.41 -1.57 -6.61
N GLU D 19 23.20 -1.01 -6.45
CA GLU D 19 22.97 0.43 -6.47
C GLU D 19 23.88 1.06 -5.42
N PHE D 20 24.12 0.39 -4.30
CA PHE D 20 24.97 0.96 -3.24
C PHE D 20 26.42 1.07 -3.72
N VAL D 21 26.95 -0.02 -4.22
CA VAL D 21 28.34 -0.07 -4.71
C VAL D 21 28.52 -1.36 -5.49
N SER D 22 29.15 -1.22 -6.66
CA SER D 22 29.48 -2.35 -7.52
C SER D 22 30.70 -2.05 -8.36
N GLN D 23 31.41 -3.08 -8.68
CA GLN D 23 32.57 -2.97 -9.59
C GLN D 23 32.03 -2.68 -10.99
N ILE D 24 32.68 -1.77 -11.69
CA ILE D 24 32.28 -1.38 -13.06
C ILE D 24 32.73 -2.51 -14.00
N ARG D 25 31.77 -3.08 -14.72
CA ARG D 25 32.03 -4.16 -15.69
C ARG D 25 33.16 -3.72 -16.61
N GLY D 26 34.05 -4.64 -16.94
CA GLY D 26 35.13 -4.33 -17.91
C GLY D 26 36.25 -3.54 -17.32
N THR D 27 36.29 -3.42 -15.98
CA THR D 27 37.41 -2.70 -15.33
C THR D 27 37.94 -3.55 -14.20
N GLU D 28 39.20 -3.30 -13.86
CA GLU D 28 39.91 -4.02 -12.78
C GLU D 28 39.53 -3.41 -11.43
N ASN D 29 39.50 -2.09 -11.36
CA ASN D 29 39.60 -1.32 -10.10
C ASN D 29 38.66 -0.13 -10.09
N MET D 30 37.64 -0.06 -10.94
CA MET D 30 36.69 1.07 -10.91
CA MET D 30 36.69 1.07 -10.93
C MET D 30 35.37 0.58 -10.33
N PHE D 31 34.75 1.46 -9.59
CA PHE D 31 33.48 1.18 -8.88
C PHE D 31 32.51 2.33 -9.05
N LYS D 32 31.23 2.02 -8.89
CA LYS D 32 30.17 3.02 -8.97
C LYS D 32 29.07 2.67 -7.98
N GLY D 33 28.22 3.63 -7.75
CA GLY D 33 27.06 3.50 -6.86
C GLY D 33 26.88 4.67 -5.93
N PHE D 34 25.79 4.65 -5.17
CA PHE D 34 25.48 5.65 -4.13
C PHE D 34 26.72 5.90 -3.26
N CYS D 35 27.32 4.86 -2.73
CA CYS D 35 28.42 5.02 -1.74
C CYS D 35 29.63 5.62 -2.43
N ILE D 36 29.89 5.26 -3.69
CA ILE D 36 31.04 5.82 -4.43
C ILE D 36 30.81 7.29 -4.69
N ASP D 37 29.60 7.67 -5.12
CA ASP D 37 29.27 9.08 -5.39
C ASP D 37 29.37 9.91 -4.11
N VAL D 38 28.98 9.36 -2.96
CA VAL D 38 29.16 10.10 -1.70
C VAL D 38 30.65 10.34 -1.46
N PHE D 39 31.43 9.28 -1.57
CA PHE D 39 32.90 9.36 -1.39
C PHE D 39 33.51 10.41 -2.31
N THR D 40 33.20 10.35 -3.61
CA THR D 40 33.73 11.31 -4.61
C THR D 40 33.30 12.75 -4.27
N ALA D 41 32.03 12.96 -3.93
CA ALA D 41 31.50 14.30 -3.58
C ALA D 41 32.26 14.82 -2.36
N ALA D 42 32.54 13.93 -1.40
CA ALA D 42 33.22 14.35 -0.16
C ALA D 42 34.67 14.73 -0.45
N VAL D 43 35.38 13.89 -1.19
CA VAL D 43 36.77 14.15 -1.60
C VAL D 43 36.81 15.50 -2.33
N ASN D 44 35.83 15.79 -3.18
CA ASN D 44 35.84 17.00 -4.02
C ASN D 44 35.77 18.24 -3.13
N LEU D 45 35.25 18.15 -1.90
CA LEU D 45 35.20 19.31 -0.96
C LEU D 45 36.50 19.48 -0.17
N LEU D 46 37.44 18.55 -0.23
CA LEU D 46 38.69 18.68 0.57
C LEU D 46 39.63 19.63 -0.15
N PRO D 47 40.46 20.39 0.58
CA PRO D 47 41.39 21.32 -0.08
C PRO D 47 42.61 20.65 -0.72
N TYR D 48 42.77 19.32 -0.56
CA TYR D 48 43.93 18.53 -1.03
C TYR D 48 43.41 17.35 -1.86
N ALA D 49 44.27 16.83 -2.75
CA ALA D 49 44.00 15.64 -3.58
C ALA D 49 44.04 14.38 -2.75
N VAL D 50 43.19 13.41 -3.11
CA VAL D 50 43.22 12.07 -2.45
C VAL D 50 43.26 11.02 -3.54
N PRO D 51 44.47 10.71 -4.04
CA PRO D 51 44.63 9.68 -5.06
C PRO D 51 44.32 8.33 -4.43
N VAL D 52 43.48 7.55 -5.11
CA VAL D 52 43.05 6.22 -4.58
CA VAL D 52 42.95 6.27 -4.62
C VAL D 52 43.12 5.19 -5.69
N LYS D 53 43.41 3.99 -5.24
CA LYS D 53 43.20 2.75 -6.00
C LYS D 53 42.21 1.91 -5.23
N PHE D 54 41.04 1.69 -5.84
CA PHE D 54 40.00 0.86 -5.21
C PHE D 54 40.33 -0.60 -5.48
N ILE D 55 40.32 -1.41 -4.44
CA ILE D 55 40.68 -2.83 -4.52
C ILE D 55 39.46 -3.66 -4.12
N PRO D 56 38.94 -4.49 -5.02
CA PRO D 56 37.77 -5.30 -4.69
C PRO D 56 38.07 -6.27 -3.54
N TYR D 57 37.14 -6.38 -2.60
CA TYR D 57 37.15 -7.36 -1.52
C TYR D 57 35.96 -8.31 -1.61
N GLY D 58 36.21 -9.60 -1.78
CA GLY D 58 35.16 -10.62 -1.94
C GLY D 58 35.46 -11.59 -3.07
N ASN D 59 34.73 -12.69 -3.08
CA ASN D 59 34.99 -13.82 -4.01
C ASN D 59 34.16 -13.69 -5.27
N GLY D 60 33.27 -12.68 -5.36
CA GLY D 60 32.45 -12.43 -6.52
C GLY D 60 31.29 -13.40 -6.64
N LYS D 61 31.09 -14.27 -5.68
CA LYS D 61 29.94 -15.19 -5.69
C LYS D 61 28.96 -14.84 -4.56
N GLU D 62 29.45 -14.44 -3.40
CA GLU D 62 28.58 -14.01 -2.28
C GLU D 62 29.12 -12.68 -1.75
N ASN D 63 28.27 -11.90 -1.08
CA ASN D 63 28.78 -10.65 -0.47
C ASN D 63 29.82 -11.05 0.58
N PRO D 64 30.86 -10.23 0.74
CA PRO D 64 31.94 -10.56 1.68
C PRO D 64 31.50 -10.27 3.12
N SER D 65 32.26 -10.82 4.06
CA SER D 65 32.22 -10.42 5.49
C SER D 65 32.68 -8.97 5.62
N TYR D 66 31.79 -8.06 5.98
CA TYR D 66 32.16 -6.63 6.11
C TYR D 66 33.12 -6.44 7.29
N THR D 67 32.99 -7.23 8.34
CA THR D 67 33.92 -7.15 9.47
C THR D 67 35.30 -7.60 9.00
N HIS D 68 35.41 -8.73 8.31
CA HIS D 68 36.73 -9.18 7.84
C HIS D 68 37.30 -8.14 6.86
N MET D 69 36.46 -7.46 6.08
CA MET D 69 36.94 -6.40 5.15
C MET D 69 37.62 -5.26 5.92
N VAL D 70 37.00 -4.77 6.98
CA VAL D 70 37.58 -3.60 7.71
CA VAL D 70 37.54 -3.62 7.76
C VAL D 70 38.78 -4.09 8.54
N GLU D 71 38.84 -5.37 8.92
CA GLU D 71 40.04 -5.88 9.64
C GLU D 71 41.28 -5.78 8.72
N MET D 72 41.11 -5.75 7.40
CA MET D 72 42.23 -5.61 6.45
C MET D 72 42.89 -4.25 6.59
N ILE D 73 42.25 -3.24 7.21
CA ILE D 73 42.94 -1.97 7.52
C ILE D 73 44.00 -2.25 8.60
N THR D 74 43.67 -3.04 9.61
CA THR D 74 44.57 -3.19 10.78
C THR D 74 45.77 -4.06 10.42
N THR D 75 45.68 -4.84 9.35
CA THR D 75 46.84 -5.66 8.89
C THR D 75 47.66 -4.88 7.85
N GLY D 76 47.30 -3.63 7.55
CA GLY D 76 47.98 -2.77 6.58
C GLY D 76 47.65 -3.08 5.11
N ASN D 77 46.77 -4.05 4.81
CA ASN D 77 46.45 -4.43 3.41
C ASN D 77 45.72 -3.25 2.75
N PHE D 78 44.85 -2.56 3.50
CA PHE D 78 44.12 -1.38 3.00
C PHE D 78 44.49 -0.18 3.83
N ASP D 79 44.52 0.99 3.20
CA ASP D 79 44.62 2.30 3.86
C ASP D 79 43.24 2.76 4.34
N GLY D 80 42.17 2.12 3.83
CA GLY D 80 40.80 2.53 4.17
C GLY D 80 39.84 1.61 3.46
N VAL D 81 38.54 1.74 3.79
CA VAL D 81 37.48 0.95 3.13
C VAL D 81 36.36 1.93 2.79
N VAL D 82 35.89 1.86 1.56
CA VAL D 82 34.80 2.72 1.07
C VAL D 82 33.67 1.79 0.65
N GLY D 83 32.52 1.97 1.29
CA GLY D 83 31.38 1.12 0.99
C GLY D 83 30.28 1.36 1.98
N ASP D 84 29.30 0.50 1.93
CA ASP D 84 28.05 0.52 2.73
C ASP D 84 28.32 -0.17 4.08
N VAL D 85 29.26 0.37 4.86
CA VAL D 85 29.77 -0.34 6.05
C VAL D 85 29.13 0.22 7.33
N ALA D 86 28.41 -0.64 8.06
CA ALA D 86 27.76 -0.26 9.31
C ALA D 86 28.83 0.09 10.36
N ILE D 87 28.55 1.15 11.07
CA ILE D 87 29.42 1.62 12.18
C ILE D 87 28.98 0.89 13.45
N VAL D 88 29.65 -0.20 13.79
CA VAL D 88 29.22 -1.03 14.94
C VAL D 88 30.41 -1.23 15.88
N THR D 89 30.11 -1.46 17.15
CA THR D 89 31.10 -1.41 18.24
CA THR D 89 31.12 -1.35 18.23
C THR D 89 32.32 -2.28 17.98
N ASN D 90 32.14 -3.50 17.48
CA ASN D 90 33.33 -4.38 17.31
C ASN D 90 34.26 -3.83 16.21
N ARG D 91 33.74 -3.02 15.29
CA ARG D 91 34.58 -2.37 14.25
C ARG D 91 35.18 -1.06 14.79
N THR D 92 34.42 -0.23 15.51
CA THR D 92 34.90 1.09 15.98
C THR D 92 36.05 0.87 17.00
N LYS D 93 36.14 -0.29 17.63
CA LYS D 93 37.28 -0.58 18.55
C LYS D 93 38.59 -0.68 17.79
N ILE D 94 38.55 -1.02 16.49
CA ILE D 94 39.78 -1.34 15.71
C ILE D 94 40.08 -0.32 14.62
N VAL D 95 39.09 0.39 14.11
CA VAL D 95 39.26 1.39 13.05
C VAL D 95 38.40 2.59 13.36
N ASP D 96 38.67 3.68 12.65
CA ASP D 96 37.84 4.87 12.77
C ASP D 96 36.88 4.93 11.58
N PHE D 97 35.70 5.45 11.83
CA PHE D 97 34.73 5.71 10.73
C PHE D 97 34.53 7.20 10.60
N THR D 98 34.18 7.63 9.39
CA THR D 98 33.63 8.97 9.15
C THR D 98 32.29 9.12 9.85
N GLN D 99 31.89 10.36 9.98
CA GLN D 99 30.48 10.76 10.14
C GLN D 99 29.67 9.81 9.26
N PRO D 100 28.59 9.21 9.75
CA PRO D 100 27.76 8.42 8.85
C PRO D 100 27.10 9.30 7.78
N TYR D 101 27.04 8.74 6.58
CA TYR D 101 26.49 9.44 5.40
C TYR D 101 25.13 8.84 5.04
N ALA D 102 24.76 7.73 5.67
CA ALA D 102 23.42 7.15 5.52
C ALA D 102 22.97 6.56 6.84
N ALA D 103 21.70 6.78 7.19
CA ALA D 103 21.05 6.03 8.31
C ALA D 103 20.82 4.58 7.86
N SER D 104 21.02 3.55 8.70
CA SER D 104 20.91 2.12 8.32
C SER D 104 20.42 1.18 9.43
N GLY D 105 19.50 1.66 10.20
CA GLY D 105 19.09 0.87 11.36
C GLY D 105 18.39 -0.42 10.95
N LEU D 106 18.41 -1.38 11.85
CA LEU D 106 17.78 -2.71 11.57
C LEU D 106 16.28 -2.59 11.63
N VAL D 107 15.63 -3.29 10.70
CA VAL D 107 14.17 -3.46 10.64
C VAL D 107 13.84 -4.93 10.42
N VAL D 108 12.57 -5.26 10.69
CA VAL D 108 11.93 -6.57 10.42
C VAL D 108 11.05 -6.44 9.19
N VAL D 109 11.28 -7.33 8.25
CA VAL D 109 10.47 -7.46 7.00
CA VAL D 109 10.43 -7.40 7.02
C VAL D 109 9.68 -8.75 7.06
N ALA D 110 8.38 -8.69 6.80
CA ALA D 110 7.53 -9.89 6.86
C ALA D 110 6.39 -9.66 5.89
N PRO D 111 5.61 -10.71 5.57
CA PRO D 111 4.32 -10.48 4.95
C PRO D 111 3.43 -9.71 5.93
N GLY D 112 2.43 -8.97 5.46
CA GLY D 112 1.50 -8.30 6.37
C GLY D 112 0.51 -9.31 6.96
N GLY D 113 0.12 -9.15 8.20
CA GLY D 113 -0.99 -9.91 8.79
C GLY D 113 -0.57 -11.20 9.45
N THR D 114 0.72 -11.40 9.66
CA THR D 114 1.24 -12.61 10.38
C THR D 114 1.45 -12.25 11.83
N PRO D 115 1.77 -13.25 12.67
CA PRO D 115 2.09 -12.94 14.07
C PRO D 115 3.38 -12.15 14.29
N ILE D 116 4.22 -12.03 13.24
CA ILE D 116 5.42 -11.18 13.35
C ILE D 116 5.00 -9.74 13.12
N LYS D 117 5.00 -8.96 14.19
CA LYS D 117 4.59 -7.55 14.16
C LYS D 117 5.74 -6.58 14.43
N GLY D 118 6.96 -7.10 14.61
CA GLY D 118 8.13 -6.31 14.96
C GLY D 118 9.14 -7.17 15.66
N ILE D 119 10.18 -6.55 16.16
CA ILE D 119 11.29 -7.34 16.73
C ILE D 119 10.86 -8.02 18.04
N GLU D 120 9.96 -7.40 18.83
CA GLU D 120 9.60 -8.08 20.14
C GLU D 120 8.85 -9.40 19.87
N SER D 121 7.84 -9.38 19.00
CA SER D 121 7.09 -10.59 18.65
C SER D 121 7.99 -11.59 17.95
N LEU D 122 8.95 -11.15 17.12
CA LEU D 122 9.88 -12.09 16.45
C LEU D 122 10.73 -12.82 17.50
N ARG D 123 11.23 -12.08 18.49
CA ARG D 123 12.07 -12.63 19.59
C ARG D 123 11.26 -13.64 20.41
N GLU D 124 9.99 -13.35 20.71
CA GLU D 124 9.15 -14.22 21.59
C GLU D 124 8.87 -15.56 20.90
N ARG D 125 8.74 -15.56 19.58
CA ARG D 125 8.35 -16.75 18.80
C ARG D 125 9.60 -17.58 18.45
N ASP D 126 9.44 -18.66 17.70
CA ASP D 126 10.51 -19.67 17.48
C ASP D 126 10.80 -19.83 16.00
N ASP D 127 10.28 -18.93 15.16
CA ASP D 127 10.26 -19.06 13.69
C ASP D 127 11.67 -18.82 13.18
N PRO D 128 12.06 -19.41 12.03
CA PRO D 128 13.31 -19.06 11.38
C PRO D 128 13.26 -17.60 10.92
N ILE D 129 14.45 -16.98 10.99
CA ILE D 129 14.69 -15.53 10.70
CA ILE D 129 14.66 -15.54 10.67
C ILE D 129 15.78 -15.42 9.63
N GLY D 130 15.50 -14.72 8.53
CA GLY D 130 16.59 -14.47 7.58
C GLY D 130 17.46 -13.27 7.94
N TYR D 131 18.71 -13.27 7.46
CA TYR D 131 19.66 -12.14 7.54
C TYR D 131 20.52 -12.14 6.31
N GLN D 132 21.17 -11.02 6.04
CA GLN D 132 21.98 -10.89 4.83
C GLN D 132 23.37 -11.54 5.04
N VAL D 133 23.79 -12.37 4.09
CA VAL D 133 25.15 -12.96 4.03
C VAL D 133 26.16 -11.82 4.23
N GLY D 134 27.08 -12.00 5.19
CA GLY D 134 28.24 -11.11 5.37
C GLY D 134 27.99 -9.96 6.35
N SER D 135 26.74 -9.81 6.79
CA SER D 135 26.34 -8.64 7.60
C SER D 135 26.75 -8.83 9.06
N PHE D 136 26.96 -7.73 9.75
CA PHE D 136 26.98 -7.72 11.24
C PHE D 136 25.69 -8.23 11.84
N ALA D 137 24.57 -8.14 11.11
CA ALA D 137 23.26 -8.49 11.72
C ALA D 137 23.22 -9.92 12.33
N GLU D 138 23.91 -10.88 11.75
CA GLU D 138 23.95 -12.29 12.25
C GLU D 138 24.44 -12.26 13.70
N SER D 139 25.57 -11.61 13.91
CA SER D 139 26.11 -11.51 15.30
C SER D 139 25.15 -10.70 16.20
N TYR D 140 24.56 -9.60 15.72
CA TYR D 140 23.64 -8.77 16.52
C TYR D 140 22.49 -9.67 17.02
N LEU D 141 21.93 -10.46 16.09
CA LEU D 141 20.77 -11.33 16.40
C LEU D 141 21.17 -12.41 17.42
N ARG D 142 22.29 -13.11 17.16
CA ARG D 142 22.79 -14.27 17.95
C ARG D 142 23.18 -13.79 19.35
N ASN D 143 23.84 -12.64 19.44
CA ASN D 143 24.53 -12.17 20.67
C ASN D 143 23.69 -11.14 21.39
N GLU D 144 23.51 -9.94 20.83
CA GLU D 144 22.78 -8.85 21.54
C GLU D 144 21.33 -9.25 21.81
N LEU D 145 20.63 -9.90 20.89
CA LEU D 145 19.18 -10.22 21.07
C LEU D 145 19.02 -11.67 21.56
N ASN D 146 20.12 -12.44 21.60
CA ASN D 146 20.17 -13.79 22.20
C ASN D 146 19.24 -14.74 21.46
N ILE D 147 19.10 -14.58 20.15
CA ILE D 147 18.33 -15.52 19.31
C ILE D 147 19.22 -16.71 19.01
N SER D 148 18.67 -17.94 19.02
CA SER D 148 19.45 -19.17 18.80
C SER D 148 19.92 -19.21 17.35
N GLU D 149 21.20 -19.53 17.12
CA GLU D 149 21.81 -19.62 15.76
C GLU D 149 20.99 -20.56 14.88
N SER D 150 20.36 -21.59 15.45
CA SER D 150 19.56 -22.60 14.71
C SER D 150 18.39 -21.93 13.96
N ARG D 151 17.94 -20.77 14.43
CA ARG D 151 16.81 -20.02 13.81
C ARG D 151 17.34 -19.12 12.67
N LEU D 152 18.64 -18.91 12.55
CA LEU D 152 19.16 -17.85 11.65
C LEU D 152 19.47 -18.45 10.27
N VAL D 153 18.88 -17.87 9.22
CA VAL D 153 19.00 -18.38 7.85
C VAL D 153 19.72 -17.30 7.02
N PRO D 154 20.91 -17.60 6.49
CA PRO D 154 21.61 -16.67 5.61
C PRO D 154 20.98 -16.58 4.22
N LEU D 155 20.78 -15.35 3.76
CA LEU D 155 20.21 -15.02 2.43
C LEU D 155 21.09 -14.03 1.71
N GLY D 156 21.40 -14.30 0.43
CA GLY D 156 22.43 -13.59 -0.32
C GLY D 156 21.98 -12.49 -1.27
N THR D 157 20.69 -12.44 -1.65
CA THR D 157 20.18 -11.63 -2.77
C THR D 157 18.74 -11.28 -2.45
N PRO D 158 18.17 -10.21 -3.06
CA PRO D 158 16.73 -9.92 -2.92
C PRO D 158 15.88 -11.09 -3.45
N GLU D 159 16.37 -11.82 -4.46
CA GLU D 159 15.63 -13.00 -4.99
C GLU D 159 15.53 -14.06 -3.90
N ALA D 160 16.60 -14.31 -3.12
CA ALA D 160 16.59 -15.30 -2.03
C ALA D 160 15.71 -14.75 -0.89
N TYR D 161 15.70 -13.46 -0.66
CA TYR D 161 14.77 -12.87 0.36
C TYR D 161 13.32 -13.20 0.00
N ALA D 162 12.92 -12.91 -1.24
CA ALA D 162 11.54 -13.10 -1.70
C ALA D 162 11.21 -14.59 -1.62
N LYS D 163 12.11 -15.45 -2.09
CA LYS D 163 11.82 -16.91 -2.10
C LYS D 163 11.70 -17.44 -0.68
N ALA D 164 12.52 -16.95 0.25
CA ALA D 164 12.49 -17.43 1.63
C ALA D 164 11.17 -16.97 2.29
N LEU D 165 10.75 -15.74 2.03
CA LEU D 165 9.45 -15.28 2.58
C LEU D 165 8.30 -16.02 1.94
N LYS D 166 8.36 -16.31 0.65
CA LYS D 166 7.27 -16.99 -0.07
C LYS D 166 7.15 -18.44 0.39
N ASP D 167 8.28 -19.15 0.47
CA ASP D 167 8.31 -20.55 0.95
C ASP D 167 7.83 -20.55 2.40
N GLY D 168 8.35 -19.67 3.23
CA GLY D 168 7.96 -19.51 4.63
C GLY D 168 8.57 -20.57 5.53
N PRO D 169 8.23 -20.40 6.83
CA PRO D 169 8.93 -21.03 7.92
C PRO D 169 8.59 -22.50 8.02
N SER D 170 7.50 -22.97 7.35
CA SER D 170 7.14 -24.40 7.39
C SER D 170 7.53 -25.10 6.09
N LYS D 171 8.31 -24.46 5.19
CA LYS D 171 8.69 -25.04 3.86
C LYS D 171 10.14 -24.70 3.48
N GLY D 172 11.07 -24.53 4.44
CA GLY D 172 12.52 -24.27 4.26
C GLY D 172 12.89 -22.76 4.17
N GLY D 173 11.94 -21.88 4.42
CA GLY D 173 12.17 -20.43 4.30
C GLY D 173 12.11 -19.80 5.69
N VAL D 174 11.60 -18.56 5.76
CA VAL D 174 11.65 -17.76 6.99
C VAL D 174 10.29 -17.11 7.23
N ALA D 175 10.05 -16.72 8.47
CA ALA D 175 8.84 -15.98 8.85
C ALA D 175 9.08 -14.49 8.70
N ALA D 176 10.34 -14.08 8.69
CA ALA D 176 10.72 -12.66 8.61
C ALA D 176 12.20 -12.60 8.29
N ILE D 177 12.63 -11.43 7.87
CA ILE D 177 14.04 -11.07 7.60
C ILE D 177 14.38 -9.85 8.45
N VAL D 178 15.56 -9.88 9.09
CA VAL D 178 16.13 -8.72 9.79
C VAL D 178 17.28 -8.21 8.94
N ASP D 179 17.22 -6.97 8.54
CA ASP D 179 18.33 -6.35 7.78
C ASP D 179 18.30 -4.85 7.95
N GLU D 180 19.38 -4.23 7.51
CA GLU D 180 19.50 -2.76 7.57
C GLU D 180 18.50 -2.15 6.60
N ARG D 181 17.90 -1.06 7.01
CA ARG D 181 16.79 -0.42 6.28
C ARG D 181 17.11 -0.08 4.83
N PRO D 182 18.30 0.36 4.40
CA PRO D 182 18.48 0.72 2.99
C PRO D 182 18.28 -0.50 2.08
N TYR D 183 18.78 -1.68 2.48
CA TYR D 183 18.62 -2.88 1.63
C TYR D 183 17.14 -3.23 1.56
N VAL D 184 16.46 -3.14 2.71
CA VAL D 184 15.03 -3.52 2.79
C VAL D 184 14.21 -2.56 1.92
N GLU D 185 14.49 -1.25 1.95
CA GLU D 185 13.73 -0.28 1.11
C GLU D 185 13.90 -0.68 -0.36
N LEU D 186 15.11 -1.01 -0.80
CA LEU D 186 15.31 -1.37 -2.22
C LEU D 186 14.58 -2.68 -2.53
N PHE D 187 14.69 -3.68 -1.62
CA PHE D 187 13.98 -4.96 -1.78
C PHE D 187 12.47 -4.73 -1.92
N LEU D 188 11.88 -3.92 -1.04
CA LEU D 188 10.42 -3.69 -1.02
C LEU D 188 9.95 -2.81 -2.19
N SER D 189 10.83 -2.00 -2.77
CA SER D 189 10.44 -1.14 -3.92
C SER D 189 10.09 -2.05 -5.12
N SER D 190 10.71 -3.20 -5.21
CA SER D 190 10.49 -4.21 -6.29
C SER D 190 9.53 -5.29 -5.81
N ASN D 191 9.63 -5.71 -4.55
CA ASN D 191 8.87 -6.87 -4.01
C ASN D 191 7.80 -6.33 -3.05
N CYS D 192 6.72 -5.83 -3.63
CA CYS D 192 5.78 -4.94 -2.91
C CYS D 192 4.81 -5.75 -2.03
N ALA D 193 4.84 -7.07 -2.04
CA ALA D 193 3.93 -7.88 -1.22
C ALA D 193 4.32 -7.80 0.26
N TYR D 194 5.56 -7.44 0.56
CA TYR D 194 6.09 -7.53 1.96
C TYR D 194 6.12 -6.15 2.55
N ARG D 195 6.36 -6.11 3.87
CA ARG D 195 6.30 -4.84 4.62
C ARG D 195 7.35 -4.83 5.71
N ILE D 196 7.79 -3.63 6.05
CA ILE D 196 8.48 -3.38 7.35
C ILE D 196 7.39 -3.39 8.43
N VAL D 197 7.60 -4.26 9.41
CA VAL D 197 6.65 -4.37 10.56
C VAL D 197 7.37 -3.89 11.80
N GLY D 198 6.71 -3.05 12.58
CA GLY D 198 7.37 -2.51 13.77
C GLY D 198 8.30 -1.33 13.46
N GLN D 199 9.22 -1.08 14.39
CA GLN D 199 10.07 0.12 14.37
C GLN D 199 11.50 -0.27 13.97
N GLU D 200 12.24 0.72 13.53
CA GLU D 200 13.68 0.63 13.30
C GLU D 200 14.28 0.54 14.69
N PHE D 201 14.92 -0.56 15.05
CA PHE D 201 15.26 -0.85 16.47
C PHE D 201 16.75 -0.67 16.73
N THR D 202 17.57 -0.31 15.76
CA THR D 202 18.94 0.23 16.00
C THR D 202 19.05 1.58 15.27
N LYS D 203 20.11 2.33 15.58
CA LYS D 203 20.39 3.68 14.98
C LYS D 203 21.78 3.66 14.36
N SER D 204 22.04 2.54 13.76
CA SER D 204 23.17 2.21 12.91
C SER D 204 23.20 3.26 11.78
N GLY D 205 24.39 3.56 11.36
CA GLY D 205 24.65 4.29 10.12
C GLY D 205 25.79 3.67 9.36
N TRP D 206 25.95 4.08 8.10
CA TRP D 206 27.10 3.69 7.26
C TRP D 206 28.16 4.77 7.26
N GLY D 207 29.45 4.36 7.34
CA GLY D 207 30.56 5.28 7.15
C GLY D 207 31.70 4.66 6.39
N PHE D 208 32.67 5.48 6.06
CA PHE D 208 33.90 5.03 5.40
C PHE D 208 34.91 4.78 6.51
N ALA D 209 35.71 3.74 6.36
CA ALA D 209 36.59 3.28 7.48
C ALA D 209 38.05 3.56 7.15
N PHE D 210 38.79 4.01 8.17
CA PHE D 210 40.22 4.40 8.03
C PHE D 210 40.91 4.00 9.33
N PRO D 211 42.24 4.02 9.37
CA PRO D 211 42.90 3.67 10.63
C PRO D 211 42.52 4.63 11.75
N ARG D 212 42.70 4.15 12.98
CA ARG D 212 42.43 5.02 14.16
C ARG D 212 43.17 6.35 14.05
N ASP D 213 42.47 7.43 14.38
CA ASP D 213 42.97 8.82 14.40
C ASP D 213 43.29 9.31 13.01
N SER D 214 42.80 8.64 11.95
CA SER D 214 43.03 9.07 10.56
C SER D 214 42.62 10.52 10.37
N PRO D 215 43.49 11.41 9.81
CA PRO D 215 43.07 12.78 9.54
C PRO D 215 42.11 12.84 8.33
N LEU D 216 42.25 11.88 7.43
CA LEU D 216 41.38 11.83 6.22
C LEU D 216 39.96 11.53 6.71
N ALA D 217 39.77 10.60 7.66
CA ALA D 217 38.41 10.34 8.21
C ALA D 217 37.84 11.64 8.73
N ILE D 218 38.59 12.42 9.52
CA ILE D 218 38.09 13.70 10.09
C ILE D 218 37.67 14.66 8.96
N ASP D 219 38.55 14.86 7.95
CA ASP D 219 38.28 15.84 6.88
C ASP D 219 37.07 15.37 6.05
N LEU D 220 36.99 14.07 5.73
CA LEU D 220 35.81 13.54 5.00
C LEU D 220 34.54 13.77 5.82
N SER D 221 34.61 13.60 7.13
CA SER D 221 33.43 13.82 8.00
C SER D 221 32.93 15.26 7.88
N THR D 222 33.84 16.24 7.87
CA THR D 222 33.47 17.66 7.67
C THR D 222 32.69 17.79 6.36
N ALA D 223 33.23 17.25 5.28
CA ALA D 223 32.59 17.24 3.95
C ALA D 223 31.24 16.55 3.96
N ILE D 224 31.13 15.40 4.59
CA ILE D 224 29.84 14.64 4.62
C ILE D 224 28.78 15.51 5.28
N LEU D 225 29.11 16.15 6.40
CA LEU D 225 28.07 16.97 7.11
C LEU D 225 27.69 18.15 6.23
N GLU D 226 28.63 18.72 5.47
CA GLU D 226 28.30 19.79 4.48
C GLU D 226 27.33 19.25 3.41
N LEU D 227 27.60 18.07 2.86
CA LEU D 227 26.75 17.45 1.83
C LEU D 227 25.36 17.21 2.42
N ALA D 228 25.29 16.76 3.68
CA ALA D 228 24.01 16.52 4.36
C ALA D 228 23.24 17.83 4.44
N GLU D 229 23.86 18.88 4.93
CA GLU D 229 23.14 20.16 5.18
C GLU D 229 22.78 20.82 3.86
N ASN D 230 23.55 20.68 2.78
CA ASN D 230 23.26 21.35 1.49
C ASN D 230 22.31 20.52 0.61
N GLY D 231 21.83 19.36 1.04
CA GLY D 231 20.89 18.54 0.25
C GLY D 231 21.56 17.68 -0.81
N ASP D 232 22.89 17.66 -0.88
CA ASP D 232 23.62 16.87 -1.90
C ASP D 232 23.49 15.40 -1.56
N LEU D 233 23.57 15.01 -0.27
CA LEU D 233 23.44 13.59 0.10
C LEU D 233 22.07 13.09 -0.34
N GLN D 234 21.01 13.88 -0.11
CA GLN D 234 19.65 13.45 -0.52
C GLN D 234 19.58 13.35 -2.05
N ARG D 235 20.18 14.29 -2.77
CA ARG D 235 20.20 14.22 -4.28
C ARG D 235 20.91 12.95 -4.76
N ILE D 236 22.03 12.57 -4.11
CA ILE D 236 22.75 11.33 -4.51
C ILE D 236 21.90 10.10 -4.17
N HIS D 237 21.26 10.05 -3.00
CA HIS D 237 20.31 8.99 -2.64
C HIS D 237 19.27 8.84 -3.77
N ASP D 238 18.66 9.93 -4.16
CA ASP D 238 17.53 9.89 -5.14
C ASP D 238 18.00 9.44 -6.51
N LYS D 239 19.19 9.81 -6.92
CA LYS D 239 19.81 9.37 -8.20
C LYS D 239 19.83 7.84 -8.27
N TRP D 240 20.24 7.15 -7.20
CA TRP D 240 20.53 5.72 -7.23
C TRP D 240 19.37 4.82 -6.74
N LEU D 241 18.57 5.31 -5.78
CA LEU D 241 17.82 4.39 -4.88
C LEU D 241 16.30 4.50 -5.01
N MET D 242 15.77 5.30 -5.91
CA MET D 242 14.28 5.43 -5.95
C MET D 242 13.75 5.11 -7.34
N LYS D 243 14.48 4.36 -8.14
CA LYS D 243 14.12 4.09 -9.57
C LYS D 243 13.09 2.96 -9.64
N ASN D 244 13.12 2.02 -8.70
CA ASN D 244 12.39 0.75 -8.92
C ASN D 244 10.86 0.89 -8.77
N ALA D 245 10.15 0.12 -9.58
CA ALA D 245 8.70 -0.06 -9.47
C ALA D 245 8.41 -1.50 -9.02
N CYS D 246 7.21 -1.71 -8.50
CA CYS D 246 6.79 -3.09 -8.10
C CYS D 246 6.87 -4.01 -9.32
N THR D 247 7.33 -5.23 -9.12
CA THR D 247 7.39 -6.25 -10.21
C THR D 247 6.80 -7.58 -9.73
N GLY E . -11.42 14.82 9.95
CA GLY E . -12.49 13.79 9.77
C GLY E . -13.33 13.56 10.99
O GLY E . -14.44 13.04 10.92
OXT GLY E . -12.79 13.88 12.07
C1 GOL F . -9.24 26.54 18.51
O1 GOL F . -9.84 26.03 19.71
C2 GOL F . -10.20 26.42 17.31
O2 GOL F . -11.37 27.16 17.64
C3 GOL F . -10.57 24.99 16.92
O3 GOL F . -11.26 24.89 15.64
C1 GOL G . -3.57 14.97 36.15
O1 GOL G . -4.15 15.49 37.34
C2 GOL G . -2.42 15.81 35.65
O2 GOL G . -1.73 15.07 34.65
C3 GOL G . -1.46 16.24 36.75
O3 GOL G . -0.41 17.08 36.23
NA NA H . -10.92 19.46 23.43
N GLY I . 3.24 6.21 -19.21
CA GLY I . 3.47 5.76 -17.79
C GLY I . 3.24 6.89 -16.79
O GLY I . 3.03 6.61 -15.58
OXT GLY I . 3.26 8.04 -17.23
CL CL J . 19.22 0.30 -30.51
C1 GOL K . 0.87 25.05 -20.57
O1 GOL K . 2.21 24.97 -21.04
C2 GOL K . 0.69 26.20 -19.62
O2 GOL K . 1.68 27.20 -19.88
C3 GOL K . -0.67 26.88 -19.70
O3 GOL K . -1.23 27.07 -18.40
NA NA L . 11.72 3.84 -37.45
N GLY M . -18.85 -21.59 6.25
CA GLY M . -19.08 -22.59 5.13
C GLY M . -19.47 -23.97 5.69
O GLY M . -19.05 -24.20 6.79
OXT GLY M . -20.07 -24.82 5.09
C1 GOL N . -19.97 -30.72 18.76
O1 GOL N . -18.97 -29.73 19.00
C2 GOL N . -21.21 -30.51 19.60
O2 GOL N . -21.98 -31.72 19.70
C3 GOL N . -20.90 -29.94 20.97
O3 GOL N . -21.42 -28.61 21.07
S SO4 O . -22.50 -31.12 2.94
O1 SO4 O . -23.90 -30.93 2.67
O2 SO4 O . -22.28 -31.20 4.36
O3 SO4 O . -21.73 -30.04 2.37
O4 SO4 O . -22.10 -32.35 2.32
NA NA P . -6.22 -5.60 9.49
N GLY Q . 26.24 -3.40 5.55
CA GLY Q . 26.81 -4.70 5.95
C GLY Q . 27.62 -4.61 7.25
O GLY Q . 28.10 -3.56 7.41
OXT GLY Q . 27.81 -5.53 8.06
CL CL R . 47.01 18.57 -3.17
C1 GOL S . 34.51 11.54 16.87
O1 GOL S . 34.50 12.96 16.81
C2 GOL S . 35.89 10.95 16.62
O2 GOL S . 36.76 11.31 17.71
C3 GOL S . 35.86 9.46 16.38
O3 GOL S . 36.21 9.06 15.04
S SO4 T . 30.79 -9.88 12.77
O1 SO4 T . 29.59 -10.23 13.46
O2 SO4 T . 31.10 -8.53 13.11
O3 SO4 T . 30.62 -10.07 11.35
O4 SO4 T . 31.85 -10.71 13.21
S SO4 U . 23.06 -20.53 20.23
O1 SO4 U . 21.66 -20.86 20.34
O2 SO4 U . 23.59 -20.33 21.55
O3 SO4 U . 23.25 -19.32 19.46
O4 SO4 U . 23.75 -21.62 19.59
#